data_1SQ8
#
_entry.id   1SQ8
#
_entity_poly.entity_id   1
_entity_poly.type   'polypeptide(L)'
_entity_poly.pdbx_seq_one_letter_code
;MLMGERIRARRIQLGLNQAELAQKVGVDQQAIEQLENGKAKRPRFLPELARALGVAVDWLLNGA
;
_entity_poly.pdbx_strand_id   A
#
# COMPACT_ATOMS: atom_id res chain seq x y z
N MET A 1 -8.41 7.03 -9.29
CA MET A 1 -8.27 7.14 -7.85
C MET A 1 -6.89 7.71 -7.48
N LEU A 2 -6.68 8.05 -6.21
CA LEU A 2 -5.35 8.30 -5.65
C LEU A 2 -4.80 7.02 -5.03
N MET A 3 -3.61 7.16 -4.46
CA MET A 3 -2.82 6.15 -3.77
C MET A 3 -3.60 5.45 -2.66
N GLY A 4 -4.18 6.22 -1.75
CA GLY A 4 -4.87 5.66 -0.60
C GLY A 4 -5.95 4.66 -1.01
N GLU A 5 -6.80 5.06 -1.96
CA GLU A 5 -7.84 4.20 -2.52
C GLU A 5 -7.24 3.00 -3.27
N ARG A 6 -6.15 3.19 -4.04
CA ARG A 6 -5.43 2.10 -4.71
C ARG A 6 -5.01 1.03 -3.70
N ILE A 7 -4.37 1.47 -2.63
CA ILE A 7 -3.80 0.60 -1.62
C ILE A 7 -4.93 -0.15 -0.92
N ARG A 8 -5.99 0.56 -0.51
CA ARG A 8 -7.15 -0.07 0.09
C ARG A 8 -7.75 -1.08 -0.88
N ALA A 9 -7.92 -0.71 -2.14
CA ALA A 9 -8.53 -1.52 -3.19
C ALA A 9 -7.75 -2.82 -3.33
N ARG A 10 -6.48 -2.74 -3.70
CA ARG A 10 -5.67 -3.91 -4.02
C ARG A 10 -5.55 -4.79 -2.77
N ARG A 11 -5.46 -4.23 -1.57
CA ARG A 11 -5.48 -5.02 -0.32
C ARG A 11 -6.74 -5.85 -0.21
N ILE A 12 -7.89 -5.21 -0.35
CA ILE A 12 -9.19 -5.89 -0.26
C ILE A 12 -9.37 -6.87 -1.43
N GLN A 13 -8.87 -6.56 -2.62
CA GLN A 13 -8.74 -7.49 -3.75
C GLN A 13 -7.94 -8.74 -3.40
N LEU A 14 -6.91 -8.56 -2.58
CA LEU A 14 -6.05 -9.60 -2.02
C LEU A 14 -6.70 -10.21 -0.76
N GLY A 15 -7.84 -9.68 -0.32
CA GLY A 15 -8.58 -10.06 0.88
C GLY A 15 -7.76 -9.90 2.15
N LEU A 16 -6.65 -9.15 2.13
CA LEU A 16 -5.76 -9.11 3.28
C LEU A 16 -6.30 -7.97 4.16
N ASN A 17 -5.89 -7.91 5.43
CA ASN A 17 -6.17 -6.76 6.30
C ASN A 17 -4.95 -5.82 6.29
N GLN A 18 -5.06 -4.63 6.88
CA GLN A 18 -3.93 -3.71 6.94
C GLN A 18 -2.74 -4.35 7.65
N ALA A 19 -2.94 -4.90 8.85
CA ALA A 19 -1.87 -5.46 9.63
C ALA A 19 -1.19 -6.60 8.88
N GLU A 20 -1.96 -7.42 8.19
CA GLU A 20 -1.45 -8.58 7.50
C GLU A 20 -0.63 -8.16 6.28
N LEU A 21 -1.15 -7.24 5.46
CA LEU A 21 -0.38 -6.67 4.34
C LEU A 21 0.91 -6.08 4.89
N ALA A 22 0.77 -5.23 5.90
CA ALA A 22 1.87 -4.54 6.53
C ALA A 22 2.95 -5.53 6.93
N GLN A 23 2.59 -6.55 7.70
CA GLN A 23 3.49 -7.57 8.20
C GLN A 23 4.23 -8.25 7.05
N LYS A 24 3.53 -8.60 5.96
CA LYS A 24 4.13 -9.35 4.87
C LYS A 24 5.03 -8.48 4.00
N VAL A 25 4.85 -7.15 4.01
CA VAL A 25 5.84 -6.23 3.47
C VAL A 25 7.00 -6.12 4.47
N GLY A 26 6.71 -6.02 5.77
CA GLY A 26 7.63 -5.77 6.87
C GLY A 26 7.20 -4.55 7.72
N VAL A 27 6.29 -3.73 7.22
CA VAL A 27 5.90 -2.44 7.82
C VAL A 27 4.84 -2.65 8.91
N ASP A 28 4.45 -1.57 9.60
CA ASP A 28 3.41 -1.58 10.62
C ASP A 28 2.06 -1.36 9.95
N GLN A 29 0.99 -1.86 10.60
CA GLN A 29 -0.40 -1.61 10.19
C GLN A 29 -0.64 -0.11 9.99
N GLN A 30 -0.13 0.68 10.93
CA GLN A 30 -0.35 2.11 10.99
C GLN A 30 0.13 2.79 9.69
N ALA A 31 1.30 2.40 9.16
CA ALA A 31 1.76 2.88 7.86
C ALA A 31 0.76 2.62 6.74
N ILE A 32 0.00 1.53 6.78
CA ILE A 32 -1.03 1.27 5.77
C ILE A 32 -2.21 2.22 5.99
N GLU A 33 -2.61 2.47 7.25
CA GLU A 33 -3.74 3.35 7.58
C GLU A 33 -3.48 4.78 7.10
N GLN A 34 -2.30 5.32 7.43
CA GLN A 34 -1.97 6.66 7.01
C GLN A 34 -1.86 6.75 5.48
N LEU A 35 -1.40 5.68 4.81
CA LEU A 35 -1.34 5.65 3.37
C LEU A 35 -2.75 5.69 2.81
N GLU A 36 -3.69 4.94 3.42
CA GLU A 36 -5.09 4.95 3.00
C GLU A 36 -5.64 6.37 3.06
N ASN A 37 -5.43 7.09 4.18
CA ASN A 37 -6.01 8.42 4.32
C ASN A 37 -5.21 9.48 3.57
N GLY A 38 -4.12 9.09 2.90
CA GLY A 38 -3.32 9.93 2.02
C GLY A 38 -2.23 10.69 2.76
N LYS A 39 -1.94 10.34 4.01
CA LYS A 39 -1.01 11.07 4.87
C LYS A 39 0.44 10.75 4.54
N ALA A 40 0.78 9.52 4.12
CA ALA A 40 2.15 9.19 3.71
C ALA A 40 2.19 9.23 2.19
N LYS A 41 2.95 10.16 1.60
CA LYS A 41 3.09 10.29 0.16
C LYS A 41 4.00 9.19 -0.34
N ARG A 42 5.31 9.34 -0.12
CA ARG A 42 6.33 8.36 -0.45
C ARG A 42 7.00 8.07 0.88
N PRO A 43 6.51 7.06 1.63
CA PRO A 43 7.26 6.54 2.76
C PRO A 43 8.41 5.69 2.21
N ARG A 44 9.37 5.35 3.08
CA ARG A 44 10.60 4.66 2.69
C ARG A 44 10.34 3.41 1.86
N PHE A 45 9.37 2.62 2.31
CA PHE A 45 9.11 1.27 1.90
C PHE A 45 8.33 1.18 0.59
N LEU A 46 8.01 2.29 -0.10
CA LEU A 46 7.12 2.29 -1.24
C LEU A 46 7.45 1.21 -2.30
N PRO A 47 8.71 0.96 -2.73
CA PRO A 47 9.02 -0.14 -3.64
C PRO A 47 8.83 -1.52 -3.00
N GLU A 48 9.02 -1.64 -1.69
CA GLU A 48 8.88 -2.87 -0.96
C GLU A 48 7.42 -3.26 -0.93
N LEU A 49 6.54 -2.32 -0.54
CA LEU A 49 5.10 -2.53 -0.55
C LEU A 49 4.61 -2.80 -1.96
N ALA A 50 5.12 -2.06 -2.95
CA ALA A 50 4.75 -2.33 -4.34
C ALA A 50 5.12 -3.75 -4.75
N ARG A 51 6.36 -4.17 -4.49
CA ARG A 51 6.84 -5.52 -4.79
C ARG A 51 5.96 -6.54 -4.09
N ALA A 52 5.73 -6.39 -2.79
CA ALA A 52 4.89 -7.31 -2.02
C ALA A 52 3.44 -7.33 -2.52
N LEU A 53 2.91 -6.20 -3.00
CA LEU A 53 1.57 -6.07 -3.56
C LEU A 53 1.47 -6.68 -4.96
N GLY A 54 2.58 -6.80 -5.69
CA GLY A 54 2.63 -7.35 -7.03
C GLY A 54 2.44 -6.26 -8.10
N VAL A 55 2.85 -5.03 -7.82
CA VAL A 55 2.62 -3.88 -8.69
C VAL A 55 3.90 -3.02 -8.74
N ALA A 56 3.98 -2.07 -9.67
CA ALA A 56 5.11 -1.13 -9.75
C ALA A 56 4.95 0.00 -8.72
N VAL A 57 6.04 0.69 -8.38
CA VAL A 57 5.98 1.99 -7.72
C VAL A 57 5.23 2.96 -8.61
N ASP A 58 5.37 2.91 -9.94
CA ASP A 58 4.61 3.79 -10.83
C ASP A 58 3.12 3.50 -10.73
N TRP A 59 2.74 2.22 -10.62
CA TRP A 59 1.35 1.87 -10.39
C TRP A 59 0.89 2.40 -9.04
N LEU A 60 1.69 2.24 -8.00
CA LEU A 60 1.38 2.80 -6.69
C LEU A 60 1.19 4.31 -6.79
N LEU A 61 2.16 5.03 -7.34
CA LEU A 61 2.13 6.47 -7.47
C LEU A 61 0.90 6.92 -8.25
N ASN A 62 0.65 6.32 -9.41
CA ASN A 62 -0.21 6.87 -10.45
C ASN A 62 -1.41 5.98 -10.76
N GLY A 63 -1.21 4.67 -10.87
CA GLY A 63 -2.26 3.69 -11.13
C GLY A 63 -2.37 3.35 -12.62
N ALA A 64 -1.39 2.61 -13.14
CA ALA A 64 -1.46 2.01 -14.47
C ALA A 64 -2.63 1.03 -14.59
N MET A 1 -10.21 7.61 -4.97
CA MET A 1 -9.02 7.52 -5.82
C MET A 1 -7.73 7.77 -5.01
N LEU A 2 -6.58 7.70 -5.67
CA LEU A 2 -5.21 7.96 -5.22
C LEU A 2 -4.62 6.71 -4.58
N MET A 3 -3.40 6.86 -4.05
CA MET A 3 -2.63 5.79 -3.44
C MET A 3 -3.40 5.08 -2.36
N GLY A 4 -3.94 5.83 -1.40
CA GLY A 4 -4.77 5.31 -0.33
C GLY A 4 -5.81 4.31 -0.84
N GLU A 5 -6.64 4.74 -1.81
CA GLU A 5 -7.64 3.89 -2.44
C GLU A 5 -6.98 2.70 -3.13
N ARG A 6 -5.92 2.91 -3.91
CA ARG A 6 -5.22 1.82 -4.61
C ARG A 6 -4.79 0.74 -3.62
N ILE A 7 -4.18 1.16 -2.52
CA ILE A 7 -3.68 0.29 -1.48
C ILE A 7 -4.84 -0.45 -0.85
N ARG A 8 -5.90 0.27 -0.45
CA ARG A 8 -7.07 -0.38 0.13
C ARG A 8 -7.67 -1.37 -0.87
N ALA A 9 -7.85 -0.96 -2.12
CA ALA A 9 -8.56 -1.74 -3.10
C ALA A 9 -7.81 -2.99 -3.48
N ARG A 10 -6.48 -2.91 -3.66
CA ARG A 10 -5.66 -4.07 -4.01
C ARG A 10 -5.54 -5.00 -2.80
N ARG A 11 -5.50 -4.47 -1.57
CA ARG A 11 -5.56 -5.27 -0.35
C ARG A 11 -6.88 -6.04 -0.30
N ILE A 12 -7.98 -5.35 -0.52
CA ILE A 12 -9.34 -5.88 -0.58
C ILE A 12 -9.46 -6.90 -1.71
N GLN A 13 -8.80 -6.70 -2.85
CA GLN A 13 -8.72 -7.66 -3.94
C GLN A 13 -8.07 -8.96 -3.47
N LEU A 14 -7.08 -8.85 -2.60
CA LEU A 14 -6.39 -9.98 -1.96
C LEU A 14 -7.15 -10.47 -0.71
N GLY A 15 -8.21 -9.75 -0.31
CA GLY A 15 -9.03 -9.92 0.87
C GLY A 15 -8.23 -9.91 2.17
N LEU A 16 -7.07 -9.24 2.21
CA LEU A 16 -6.20 -9.27 3.38
C LEU A 16 -6.65 -8.15 4.32
N ASN A 17 -6.23 -8.21 5.59
CA ASN A 17 -6.34 -7.08 6.51
C ASN A 17 -5.15 -6.14 6.33
N GLN A 18 -5.23 -4.91 6.87
CA GLN A 18 -4.12 -3.97 6.92
C GLN A 18 -2.91 -4.62 7.60
N ALA A 19 -3.08 -5.16 8.80
CA ALA A 19 -1.97 -5.67 9.60
C ALA A 19 -1.26 -6.82 8.89
N GLU A 20 -1.99 -7.63 8.13
CA GLU A 20 -1.42 -8.74 7.38
C GLU A 20 -0.55 -8.20 6.24
N LEU A 21 -1.11 -7.29 5.42
CA LEU A 21 -0.34 -6.66 4.35
C LEU A 21 0.89 -6.02 4.96
N ALA A 22 0.70 -5.28 6.06
CA ALA A 22 1.74 -4.57 6.76
C ALA A 22 2.89 -5.52 7.08
N GLN A 23 2.63 -6.63 7.78
CA GLN A 23 3.68 -7.57 8.16
C GLN A 23 4.42 -8.10 6.93
N LYS A 24 3.69 -8.53 5.89
CA LYS A 24 4.32 -9.19 4.74
C LYS A 24 5.03 -8.19 3.83
N VAL A 25 4.72 -6.90 3.92
CA VAL A 25 5.52 -5.84 3.32
C VAL A 25 6.74 -5.56 4.22
N GLY A 26 6.58 -5.52 5.54
CA GLY A 26 7.60 -5.11 6.50
C GLY A 26 7.31 -3.76 7.17
N VAL A 27 6.10 -3.23 7.03
CA VAL A 27 5.63 -1.99 7.61
C VAL A 27 4.68 -2.26 8.78
N ASP A 28 4.33 -1.25 9.56
CA ASP A 28 3.33 -1.31 10.63
C ASP A 28 1.93 -1.18 10.01
N GLN A 29 0.90 -1.67 10.71
CA GLN A 29 -0.49 -1.46 10.33
C GLN A 29 -0.78 0.04 10.23
N GLN A 30 -0.19 0.83 11.12
CA GLN A 30 -0.28 2.28 11.14
C GLN A 30 0.17 2.87 9.81
N ALA A 31 1.27 2.38 9.23
CA ALA A 31 1.73 2.79 7.92
C ALA A 31 0.68 2.53 6.85
N ILE A 32 -0.07 1.42 6.90
CA ILE A 32 -1.15 1.17 5.94
C ILE A 32 -2.30 2.15 6.18
N GLU A 33 -2.70 2.38 7.43
CA GLU A 33 -3.84 3.23 7.77
C GLU A 33 -3.60 4.69 7.40
N GLN A 34 -2.40 5.21 7.64
CA GLN A 34 -2.10 6.57 7.23
C GLN A 34 -2.03 6.65 5.70
N LEU A 35 -1.50 5.62 5.03
CA LEU A 35 -1.41 5.60 3.58
C LEU A 35 -2.81 5.60 2.98
N GLU A 36 -3.74 4.85 3.59
CA GLU A 36 -5.15 4.79 3.20
C GLU A 36 -5.73 6.20 3.15
N ASN A 37 -5.47 7.04 4.15
CA ASN A 37 -5.95 8.41 4.14
C ASN A 37 -5.06 9.38 3.35
N GLY A 38 -3.97 8.92 2.74
CA GLY A 38 -3.08 9.74 1.93
C GLY A 38 -2.02 10.47 2.75
N LYS A 39 -1.84 10.13 4.03
CA LYS A 39 -0.85 10.75 4.90
C LYS A 39 0.58 10.31 4.58
N ALA A 40 0.82 9.43 3.61
CA ALA A 40 2.14 9.26 2.99
C ALA A 40 2.03 9.45 1.48
N LYS A 41 3.16 9.78 0.85
CA LYS A 41 3.31 9.87 -0.60
C LYS A 41 4.45 8.98 -1.04
N ARG A 42 5.71 9.28 -0.68
CA ARG A 42 6.86 8.44 -0.94
C ARG A 42 7.43 8.01 0.41
N PRO A 43 6.84 6.99 1.05
CA PRO A 43 7.36 6.48 2.30
C PRO A 43 8.64 5.69 2.03
N ARG A 44 9.42 5.43 3.08
CA ARG A 44 10.69 4.70 2.99
C ARG A 44 10.57 3.41 2.19
N PHE A 45 9.50 2.65 2.44
CA PHE A 45 9.30 1.28 2.01
C PHE A 45 8.63 1.19 0.64
N LEU A 46 8.39 2.31 -0.07
CA LEU A 46 7.58 2.38 -1.29
C LEU A 46 7.81 1.23 -2.28
N PRO A 47 9.05 0.92 -2.73
CA PRO A 47 9.26 -0.20 -3.64
C PRO A 47 8.90 -1.55 -3.05
N GLU A 48 9.07 -1.76 -1.76
CA GLU A 48 8.72 -3.02 -1.10
C GLU A 48 7.22 -3.12 -0.90
N LEU A 49 6.51 -2.04 -0.55
CA LEU A 49 5.06 -2.10 -0.51
C LEU A 49 4.52 -2.40 -1.87
N ALA A 50 5.05 -1.77 -2.91
CA ALA A 50 4.64 -2.13 -4.26
C ALA A 50 4.97 -3.60 -4.57
N ARG A 51 6.21 -4.05 -4.37
CA ARG A 51 6.62 -5.39 -4.76
C ARG A 51 5.85 -6.45 -3.98
N ALA A 52 5.68 -6.25 -2.68
CA ALA A 52 4.92 -7.12 -1.81
C ALA A 52 3.43 -7.06 -2.18
N LEU A 53 2.87 -5.89 -2.55
CA LEU A 53 1.50 -5.85 -3.07
C LEU A 53 1.41 -6.65 -4.37
N GLY A 54 2.48 -6.67 -5.16
CA GLY A 54 2.58 -7.34 -6.44
C GLY A 54 2.29 -6.34 -7.56
N VAL A 55 2.79 -5.11 -7.46
CA VAL A 55 2.58 -4.01 -8.41
C VAL A 55 3.89 -3.19 -8.54
N ALA A 56 3.91 -2.20 -9.43
CA ALA A 56 5.01 -1.25 -9.62
C ALA A 56 4.90 -0.07 -8.64
N VAL A 57 6.01 0.63 -8.38
CA VAL A 57 5.99 1.92 -7.70
C VAL A 57 5.30 2.94 -8.59
N ASP A 58 5.46 2.85 -9.90
CA ASP A 58 4.80 3.79 -10.81
C ASP A 58 3.29 3.55 -10.82
N TRP A 59 2.86 2.30 -10.65
CA TRP A 59 1.45 1.97 -10.42
C TRP A 59 1.01 2.53 -9.08
N LEU A 60 1.82 2.43 -8.03
CA LEU A 60 1.52 3.05 -6.77
C LEU A 60 1.32 4.56 -6.96
N LEU A 61 2.28 5.24 -7.57
CA LEU A 61 2.30 6.68 -7.74
C LEU A 61 1.10 7.13 -8.59
N ASN A 62 0.97 6.58 -9.79
CA ASN A 62 0.00 7.00 -10.79
C ASN A 62 -1.26 6.16 -10.75
N GLY A 63 -1.13 4.83 -10.83
CA GLY A 63 -2.25 3.92 -11.04
C GLY A 63 -2.62 3.92 -12.52
N ALA A 64 -1.93 3.11 -13.32
CA ALA A 64 -2.19 2.88 -14.75
C ALA A 64 -2.70 4.12 -15.49
N MET A 1 -8.30 6.76 -9.50
CA MET A 1 -8.48 6.64 -8.06
C MET A 1 -7.27 7.22 -7.30
N LEU A 2 -7.35 7.29 -5.96
CA LEU A 2 -6.26 7.80 -5.13
C LEU A 2 -5.15 6.77 -4.98
N MET A 3 -4.04 7.16 -4.33
CA MET A 3 -3.09 6.23 -3.73
C MET A 3 -3.78 5.41 -2.66
N GLY A 4 -4.43 6.09 -1.72
CA GLY A 4 -5.17 5.47 -0.64
C GLY A 4 -6.11 4.38 -1.16
N GLU A 5 -6.98 4.74 -2.10
CA GLU A 5 -7.89 3.80 -2.73
C GLU A 5 -7.13 2.71 -3.50
N ARG A 6 -6.01 3.02 -4.17
CA ARG A 6 -5.21 2.01 -4.87
C ARG A 6 -4.79 0.93 -3.89
N ILE A 7 -4.23 1.36 -2.76
CA ILE A 7 -3.67 0.50 -1.73
C ILE A 7 -4.80 -0.30 -1.09
N ARG A 8 -5.90 0.35 -0.72
CA ARG A 8 -7.06 -0.37 -0.18
C ARG A 8 -7.57 -1.37 -1.20
N ALA A 9 -7.73 -0.97 -2.45
CA ALA A 9 -8.31 -1.78 -3.50
C ALA A 9 -7.46 -3.03 -3.67
N ARG A 10 -6.16 -2.88 -3.87
CA ARG A 10 -5.26 -4.01 -4.11
C ARG A 10 -5.17 -4.92 -2.89
N ARG A 11 -5.18 -4.38 -1.67
CA ARG A 11 -5.20 -5.17 -0.44
C ARG A 11 -6.47 -6.03 -0.39
N ILE A 12 -7.61 -5.37 -0.51
CA ILE A 12 -8.95 -5.94 -0.49
C ILE A 12 -9.13 -6.95 -1.64
N GLN A 13 -8.49 -6.71 -2.79
CA GLN A 13 -8.43 -7.66 -3.91
C GLN A 13 -7.77 -8.98 -3.50
N LEU A 14 -6.77 -8.94 -2.62
CA LEU A 14 -6.18 -10.14 -2.01
C LEU A 14 -7.00 -10.60 -0.81
N GLY A 15 -7.91 -9.76 -0.30
CA GLY A 15 -8.71 -9.99 0.89
C GLY A 15 -7.86 -9.97 2.16
N LEU A 16 -6.75 -9.23 2.18
CA LEU A 16 -5.87 -9.23 3.35
C LEU A 16 -6.32 -8.09 4.29
N ASN A 17 -5.89 -8.10 5.55
CA ASN A 17 -6.09 -6.97 6.47
C ASN A 17 -4.96 -5.96 6.30
N GLN A 18 -5.11 -4.73 6.82
CA GLN A 18 -4.00 -3.78 6.92
C GLN A 18 -2.77 -4.42 7.56
N ALA A 19 -2.92 -5.08 8.71
CA ALA A 19 -1.82 -5.64 9.48
C ALA A 19 -1.08 -6.70 8.67
N GLU A 20 -1.79 -7.44 7.84
CA GLU A 20 -1.19 -8.52 7.05
C GLU A 20 -0.32 -7.89 5.95
N LEU A 21 -0.89 -6.92 5.21
CA LEU A 21 -0.12 -6.17 4.23
C LEU A 21 1.08 -5.52 4.90
N ALA A 22 0.91 -5.05 6.12
CA ALA A 22 1.96 -4.43 6.87
C ALA A 22 3.07 -5.43 7.20
N GLN A 23 2.76 -6.49 7.93
CA GLN A 23 3.75 -7.41 8.48
C GLN A 23 4.44 -8.21 7.37
N LYS A 24 3.76 -8.59 6.28
CA LYS A 24 4.44 -9.25 5.18
C LYS A 24 5.34 -8.31 4.38
N VAL A 25 5.22 -7.00 4.56
CA VAL A 25 6.18 -6.02 4.06
C VAL A 25 7.17 -5.63 5.18
N GLY A 26 6.82 -5.88 6.45
CA GLY A 26 7.61 -5.56 7.63
C GLY A 26 7.32 -4.17 8.21
N VAL A 27 6.25 -3.50 7.78
CA VAL A 27 5.90 -2.15 8.18
C VAL A 27 4.82 -2.19 9.26
N ASP A 28 4.46 -1.05 9.85
CA ASP A 28 3.41 -0.96 10.85
C ASP A 28 2.06 -1.04 10.13
N GLN A 29 1.01 -1.50 10.84
CA GLN A 29 -0.36 -1.40 10.34
C GLN A 29 -0.71 0.08 10.12
N GLN A 30 -0.26 0.93 11.04
CA GLN A 30 -0.35 2.38 10.94
C GLN A 30 0.13 2.87 9.56
N ALA A 31 1.25 2.34 9.05
CA ALA A 31 1.76 2.70 7.73
C ALA A 31 0.74 2.44 6.62
N ILE A 32 -0.06 1.38 6.72
CA ILE A 32 -1.06 1.06 5.72
C ILE A 32 -2.26 2.00 5.89
N GLU A 33 -2.67 2.30 7.12
CA GLU A 33 -3.77 3.19 7.46
C GLU A 33 -3.50 4.61 6.99
N GLN A 34 -2.32 5.15 7.31
CA GLN A 34 -1.99 6.48 6.87
C GLN A 34 -1.91 6.51 5.35
N LEU A 35 -1.44 5.43 4.71
CA LEU A 35 -1.33 5.38 3.27
C LEU A 35 -2.75 5.40 2.68
N GLU A 36 -3.70 4.69 3.31
CA GLU A 36 -5.11 4.68 2.93
C GLU A 36 -5.69 6.09 2.94
N ASN A 37 -5.37 6.92 3.92
CA ASN A 37 -5.84 8.30 3.95
C ASN A 37 -4.96 9.26 3.13
N GLY A 38 -3.82 8.78 2.61
CA GLY A 38 -2.88 9.52 1.78
C GLY A 38 -1.73 10.17 2.55
N LYS A 39 -1.64 9.98 3.87
CA LYS A 39 -0.72 10.70 4.75
C LYS A 39 0.73 10.26 4.60
N ALA A 40 1.06 9.18 3.88
CA ALA A 40 2.42 8.89 3.49
C ALA A 40 2.53 9.12 1.99
N LYS A 41 3.13 10.23 1.57
CA LYS A 41 3.31 10.52 0.13
C LYS A 41 4.21 9.47 -0.49
N ARG A 42 5.45 9.34 -0.01
CA ARG A 42 6.43 8.44 -0.62
C ARG A 42 7.26 7.84 0.53
N PRO A 43 6.73 6.83 1.22
CA PRO A 43 7.40 6.27 2.40
C PRO A 43 8.61 5.42 1.99
N ARG A 44 9.54 5.22 2.92
CA ARG A 44 10.80 4.50 2.67
C ARG A 44 10.59 3.08 2.14
N PHE A 45 9.52 2.42 2.59
CA PHE A 45 9.24 1.03 2.27
C PHE A 45 8.44 0.87 0.96
N LEU A 46 8.00 1.96 0.32
CA LEU A 46 7.07 1.95 -0.80
C LEU A 46 7.40 0.92 -1.89
N PRO A 47 8.65 0.75 -2.37
CA PRO A 47 8.95 -0.25 -3.38
C PRO A 47 8.68 -1.69 -2.92
N GLU A 48 8.92 -1.98 -1.65
CA GLU A 48 8.74 -3.30 -1.09
C GLU A 48 7.26 -3.56 -0.82
N LEU A 49 6.50 -2.52 -0.44
CA LEU A 49 5.05 -2.63 -0.36
C LEU A 49 4.52 -2.95 -1.75
N ALA A 50 4.91 -2.19 -2.77
CA ALA A 50 4.45 -2.44 -4.13
C ALA A 50 4.79 -3.85 -4.59
N ARG A 51 6.00 -4.35 -4.30
CA ARG A 51 6.39 -5.71 -4.63
C ARG A 51 5.45 -6.71 -3.97
N ALA A 52 5.18 -6.56 -2.67
CA ALA A 52 4.34 -7.48 -1.94
C ALA A 52 2.85 -7.34 -2.28
N LEU A 53 2.43 -6.16 -2.75
CA LEU A 53 1.13 -5.92 -3.38
C LEU A 53 1.05 -6.71 -4.68
N GLY A 54 2.10 -6.62 -5.49
CA GLY A 54 2.14 -7.06 -6.87
C GLY A 54 1.74 -5.92 -7.79
N VAL A 55 2.39 -4.76 -7.67
CA VAL A 55 2.29 -3.63 -8.58
C VAL A 55 3.68 -2.97 -8.64
N ALA A 56 3.86 -1.94 -9.48
CA ALA A 56 5.04 -1.07 -9.43
C ALA A 56 4.79 0.12 -8.49
N VAL A 57 5.86 0.80 -8.05
CA VAL A 57 5.78 2.14 -7.47
C VAL A 57 5.16 3.07 -8.51
N ASP A 58 5.41 2.86 -9.80
CA ASP A 58 4.84 3.69 -10.85
C ASP A 58 3.32 3.59 -10.91
N TRP A 59 2.76 2.41 -10.64
CA TRP A 59 1.33 2.22 -10.45
C TRP A 59 0.89 2.90 -9.15
N LEU A 60 1.62 2.70 -8.06
CA LEU A 60 1.28 3.33 -6.80
C LEU A 60 1.20 4.84 -6.95
N LEU A 61 2.16 5.46 -7.63
CA LEU A 61 2.18 6.89 -7.88
C LEU A 61 1.05 7.26 -8.84
N ASN A 62 1.03 6.71 -10.05
CA ASN A 62 0.29 7.25 -11.19
C ASN A 62 -0.96 6.45 -11.56
N GLY A 63 -1.06 5.19 -11.12
CA GLY A 63 -2.28 4.42 -11.00
C GLY A 63 -3.11 4.22 -12.26
N ALA A 64 -2.49 3.58 -13.25
CA ALA A 64 -3.12 2.89 -14.37
C ALA A 64 -4.38 3.59 -14.88
N MET A 1 -9.29 7.51 -8.85
CA MET A 1 -8.63 6.91 -7.69
C MET A 1 -7.29 7.58 -7.38
N LEU A 2 -6.77 7.32 -6.19
CA LEU A 2 -5.60 7.95 -5.58
C LEU A 2 -4.66 6.86 -5.07
N MET A 3 -3.53 7.24 -4.49
CA MET A 3 -2.52 6.34 -3.94
C MET A 3 -3.02 5.58 -2.73
N GLY A 4 -3.54 6.27 -1.72
CA GLY A 4 -4.11 5.61 -0.55
C GLY A 4 -5.24 4.68 -0.95
N GLU A 5 -6.16 5.17 -1.79
CA GLU A 5 -7.24 4.36 -2.33
C GLU A 5 -6.71 3.16 -3.12
N ARG A 6 -5.61 3.32 -3.86
CA ARG A 6 -4.98 2.27 -4.65
C ARG A 6 -4.55 1.17 -3.70
N ILE A 7 -3.82 1.55 -2.65
CA ILE A 7 -3.31 0.62 -1.66
C ILE A 7 -4.49 -0.12 -1.04
N ARG A 8 -5.53 0.58 -0.59
CA ARG A 8 -6.71 -0.05 0.01
C ARG A 8 -7.38 -1.01 -0.97
N ALA A 9 -7.59 -0.58 -2.21
CA ALA A 9 -8.36 -1.33 -3.19
C ALA A 9 -7.60 -2.58 -3.58
N ARG A 10 -6.28 -2.47 -3.79
CA ARG A 10 -5.44 -3.62 -4.10
C ARG A 10 -5.37 -4.52 -2.87
N ARG A 11 -5.31 -3.99 -1.65
CA ARG A 11 -5.38 -4.84 -0.45
C ARG A 11 -6.64 -5.69 -0.47
N ILE A 12 -7.79 -5.11 -0.79
CA ILE A 12 -9.06 -5.82 -0.87
C ILE A 12 -9.06 -6.79 -2.06
N GLN A 13 -8.43 -6.45 -3.18
CA GLN A 13 -8.18 -7.39 -4.28
C GLN A 13 -7.39 -8.61 -3.83
N LEU A 14 -6.45 -8.40 -2.91
CA LEU A 14 -5.63 -9.43 -2.30
C LEU A 14 -6.32 -10.02 -1.06
N GLY A 15 -7.48 -9.48 -0.67
CA GLY A 15 -8.41 -9.96 0.34
C GLY A 15 -7.87 -9.93 1.77
N LEU A 16 -6.81 -9.18 2.04
CA LEU A 16 -6.08 -9.22 3.30
C LEU A 16 -6.19 -7.96 4.16
N ASN A 17 -5.84 -8.08 5.44
CA ASN A 17 -6.04 -6.99 6.40
C ASN A 17 -4.86 -6.02 6.31
N GLN A 18 -5.05 -4.82 6.87
CA GLN A 18 -4.02 -3.80 7.02
C GLN A 18 -2.87 -4.33 7.86
N ALA A 19 -3.17 -5.08 8.93
CA ALA A 19 -2.20 -5.74 9.78
C ALA A 19 -1.38 -6.73 8.98
N GLU A 20 -2.02 -7.58 8.18
CA GLU A 20 -1.35 -8.66 7.47
C GLU A 20 -0.48 -8.10 6.35
N LEU A 21 -1.01 -7.16 5.57
CA LEU A 21 -0.23 -6.44 4.56
C LEU A 21 0.98 -5.83 5.26
N ALA A 22 0.76 -5.12 6.36
CA ALA A 22 1.84 -4.51 7.13
C ALA A 22 2.90 -5.54 7.52
N GLN A 23 2.47 -6.66 8.11
CA GLN A 23 3.34 -7.71 8.63
C GLN A 23 4.27 -8.18 7.52
N LYS A 24 3.72 -8.51 6.35
CA LYS A 24 4.46 -9.09 5.26
C LYS A 24 5.39 -8.08 4.61
N VAL A 25 4.95 -6.83 4.44
CA VAL A 25 5.78 -5.78 3.87
C VAL A 25 6.84 -5.36 4.92
N GLY A 26 6.63 -5.65 6.20
CA GLY A 26 7.53 -5.27 7.28
C GLY A 26 7.42 -3.80 7.64
N VAL A 27 6.24 -3.23 7.50
CA VAL A 27 5.82 -1.95 8.00
C VAL A 27 4.88 -2.15 9.19
N ASP A 28 4.45 -1.07 9.86
CA ASP A 28 3.46 -1.10 10.91
C ASP A 28 2.05 -1.17 10.28
N GLN A 29 1.06 -1.71 10.99
CA GLN A 29 -0.36 -1.63 10.59
C GLN A 29 -0.71 -0.17 10.31
N GLN A 30 -0.30 0.71 11.23
CA GLN A 30 -0.46 2.15 11.11
C GLN A 30 0.10 2.66 9.79
N ALA A 31 1.28 2.20 9.36
CA ALA A 31 1.85 2.62 8.09
C ALA A 31 0.88 2.37 6.94
N ILE A 32 0.16 1.24 6.91
CA ILE A 32 -0.85 1.00 5.89
C ILE A 32 -2.03 1.96 6.11
N GLU A 33 -2.52 2.10 7.33
CA GLU A 33 -3.69 2.93 7.62
C GLU A 33 -3.47 4.39 7.22
N GLN A 34 -2.31 4.94 7.55
CA GLN A 34 -2.00 6.30 7.15
C GLN A 34 -1.83 6.36 5.63
N LEU A 35 -1.28 5.34 4.99
CA LEU A 35 -1.01 5.41 3.58
C LEU A 35 -2.34 5.43 2.84
N GLU A 36 -3.27 4.59 3.29
CA GLU A 36 -4.63 4.48 2.77
C GLU A 36 -5.45 5.74 3.04
N ASN A 37 -5.13 6.52 4.08
CA ASN A 37 -5.70 7.84 4.31
C ASN A 37 -5.15 8.88 3.32
N GLY A 38 -4.06 8.56 2.61
CA GLY A 38 -3.23 9.54 1.92
C GLY A 38 -2.34 10.34 2.88
N LYS A 39 -2.26 9.94 4.15
CA LYS A 39 -1.60 10.67 5.22
C LYS A 39 -0.08 10.53 5.04
N ALA A 40 0.47 9.38 4.60
CA ALA A 40 1.81 9.40 4.03
C ALA A 40 1.67 9.67 2.53
N LYS A 41 2.53 10.53 1.99
CA LYS A 41 2.62 10.79 0.56
C LYS A 41 3.33 9.62 -0.10
N ARG A 42 4.66 9.57 0.03
CA ARG A 42 5.47 8.48 -0.48
C ARG A 42 6.08 7.85 0.76
N PRO A 43 5.87 6.56 1.02
CA PRO A 43 6.61 5.90 2.07
C PRO A 43 8.05 5.67 1.60
N ARG A 44 9.00 5.50 2.53
CA ARG A 44 10.34 5.03 2.16
C ARG A 44 10.22 3.74 1.33
N PHE A 45 9.44 2.80 1.86
CA PHE A 45 9.36 1.39 1.50
C PHE A 45 8.52 1.16 0.24
N LEU A 46 8.26 2.18 -0.56
CA LEU A 46 7.43 2.14 -1.75
C LEU A 46 7.68 0.92 -2.66
N PRO A 47 8.92 0.55 -3.04
CA PRO A 47 9.16 -0.65 -3.84
C PRO A 47 8.95 -1.96 -3.08
N GLU A 48 9.11 -1.98 -1.76
CA GLU A 48 8.84 -3.15 -0.93
C GLU A 48 7.33 -3.36 -0.88
N LEU A 49 6.57 -2.28 -0.63
CA LEU A 49 5.12 -2.31 -0.64
C LEU A 49 4.65 -2.78 -2.00
N ALA A 50 5.14 -2.18 -3.08
CA ALA A 50 4.67 -2.55 -4.40
C ALA A 50 4.93 -4.02 -4.72
N ARG A 51 6.12 -4.54 -4.41
CA ARG A 51 6.40 -5.96 -4.64
C ARG A 51 5.50 -6.84 -3.79
N ALA A 52 5.35 -6.52 -2.51
CA ALA A 52 4.50 -7.27 -1.59
C ALA A 52 3.05 -7.23 -2.07
N LEU A 53 2.55 -6.06 -2.50
CA LEU A 53 1.19 -5.90 -3.00
C LEU A 53 1.03 -6.74 -4.27
N GLY A 54 2.02 -6.66 -5.16
CA GLY A 54 2.02 -7.28 -6.48
C GLY A 54 1.54 -6.27 -7.51
N VAL A 55 2.13 -5.09 -7.55
CA VAL A 55 1.96 -4.07 -8.60
C VAL A 55 3.32 -3.38 -8.79
N ALA A 56 3.46 -2.46 -9.74
CA ALA A 56 4.67 -1.64 -9.84
C ALA A 56 4.61 -0.42 -8.92
N VAL A 57 5.77 0.18 -8.64
CA VAL A 57 5.89 1.50 -8.04
C VAL A 57 5.19 2.53 -8.92
N ASP A 58 5.28 2.43 -10.26
CA ASP A 58 4.61 3.38 -11.15
C ASP A 58 3.09 3.25 -11.03
N TRP A 59 2.57 2.04 -10.87
CA TRP A 59 1.15 1.84 -10.62
C TRP A 59 0.80 2.47 -9.28
N LEU A 60 1.60 2.21 -8.25
CA LEU A 60 1.36 2.75 -6.94
C LEU A 60 1.27 4.27 -6.99
N LEU A 61 2.24 4.93 -7.61
CA LEU A 61 2.29 6.38 -7.73
C LEU A 61 1.14 6.88 -8.60
N ASN A 62 1.06 6.43 -9.85
CA ASN A 62 0.28 7.07 -10.89
C ASN A 62 -1.01 6.32 -11.23
N GLY A 63 -1.07 5.00 -11.05
CA GLY A 63 -2.30 4.24 -11.13
C GLY A 63 -2.79 4.01 -12.55
N ALA A 64 -1.96 3.35 -13.37
CA ALA A 64 -2.27 2.89 -14.73
C ALA A 64 -3.00 3.95 -15.54
N MET A 1 -7.14 6.76 -9.40
CA MET A 1 -7.59 7.17 -8.09
C MET A 1 -6.40 7.71 -7.27
N LEU A 2 -6.65 8.25 -6.07
CA LEU A 2 -5.58 8.63 -5.14
C LEU A 2 -4.90 7.38 -4.56
N MET A 3 -3.75 7.53 -3.92
CA MET A 3 -3.05 6.43 -3.25
C MET A 3 -3.97 5.71 -2.28
N GLY A 4 -4.61 6.42 -1.37
CA GLY A 4 -5.43 5.82 -0.33
C GLY A 4 -6.42 4.79 -0.86
N GLU A 5 -7.26 5.18 -1.84
CA GLU A 5 -8.22 4.27 -2.46
C GLU A 5 -7.50 3.16 -3.21
N ARG A 6 -6.45 3.48 -3.97
CA ARG A 6 -5.67 2.49 -4.71
C ARG A 6 -5.20 1.38 -3.79
N ILE A 7 -4.63 1.77 -2.64
CA ILE A 7 -4.08 0.90 -1.63
C ILE A 7 -5.19 0.08 -1.00
N ARG A 8 -6.28 0.71 -0.54
CA ARG A 8 -7.39 -0.05 0.03
C ARG A 8 -7.95 -1.05 -0.98
N ALA A 9 -8.17 -0.61 -2.21
CA ALA A 9 -8.78 -1.40 -3.26
C ALA A 9 -7.92 -2.63 -3.52
N ARG A 10 -6.62 -2.46 -3.79
CA ARG A 10 -5.75 -3.58 -4.12
C ARG A 10 -5.47 -4.47 -2.91
N ARG A 11 -5.43 -3.94 -1.68
CA ARG A 11 -5.36 -4.77 -0.46
C ARG A 11 -6.54 -5.72 -0.42
N ILE A 12 -7.73 -5.17 -0.58
CA ILE A 12 -8.99 -5.90 -0.62
C ILE A 12 -9.05 -6.84 -1.85
N GLN A 13 -8.46 -6.46 -2.98
CA GLN A 13 -8.27 -7.32 -4.15
C GLN A 13 -7.43 -8.56 -3.82
N LEU A 14 -6.44 -8.40 -2.96
CA LEU A 14 -5.65 -9.47 -2.37
C LEU A 14 -6.37 -10.12 -1.17
N GLY A 15 -7.45 -9.50 -0.70
CA GLY A 15 -8.30 -9.94 0.40
C GLY A 15 -7.54 -9.98 1.72
N LEU A 16 -6.62 -9.04 1.98
CA LEU A 16 -5.80 -9.08 3.19
C LEU A 16 -6.24 -7.92 4.10
N ASN A 17 -5.87 -7.96 5.37
CA ASN A 17 -6.10 -6.85 6.32
C ASN A 17 -4.94 -5.84 6.24
N GLN A 18 -5.07 -4.67 6.88
CA GLN A 18 -3.98 -3.72 7.02
C GLN A 18 -2.74 -4.38 7.60
N ALA A 19 -2.86 -5.06 8.75
CA ALA A 19 -1.72 -5.60 9.46
C ALA A 19 -0.99 -6.65 8.62
N GLU A 20 -1.73 -7.40 7.81
CA GLU A 20 -1.14 -8.46 7.00
C GLU A 20 -0.38 -7.87 5.82
N LEU A 21 -1.00 -6.91 5.13
CA LEU A 21 -0.29 -6.12 4.11
C LEU A 21 0.96 -5.49 4.73
N ALA A 22 0.85 -5.02 5.96
CA ALA A 22 1.93 -4.35 6.65
C ALA A 22 3.07 -5.32 6.93
N GLN A 23 2.79 -6.40 7.66
CA GLN A 23 3.80 -7.30 8.18
C GLN A 23 4.54 -8.00 7.04
N LYS A 24 3.84 -8.43 5.98
CA LYS A 24 4.51 -9.11 4.89
C LYS A 24 5.34 -8.12 4.04
N VAL A 25 5.23 -6.81 4.26
CA VAL A 25 6.15 -5.81 3.73
C VAL A 25 7.22 -5.46 4.79
N GLY A 26 6.89 -5.52 6.08
CA GLY A 26 7.76 -5.16 7.19
C GLY A 26 7.48 -3.76 7.73
N VAL A 27 6.32 -3.19 7.42
CA VAL A 27 5.87 -1.91 7.90
C VAL A 27 4.85 -2.13 9.03
N ASP A 28 4.42 -1.08 9.71
CA ASP A 28 3.44 -1.13 10.77
C ASP A 28 2.06 -1.19 10.13
N GLN A 29 1.07 -1.77 10.81
CA GLN A 29 -0.35 -1.72 10.45
C GLN A 29 -0.79 -0.26 10.28
N GLN A 30 -0.37 0.56 11.25
CA GLN A 30 -0.46 2.00 11.22
C GLN A 30 -0.02 2.63 9.90
N ALA A 31 1.09 2.16 9.32
CA ALA A 31 1.59 2.73 8.07
C ALA A 31 0.56 2.54 6.96
N ILE A 32 -0.16 1.41 6.94
CA ILE A 32 -1.18 1.16 5.93
C ILE A 32 -2.38 2.08 6.17
N GLU A 33 -2.77 2.33 7.43
CA GLU A 33 -3.85 3.26 7.74
C GLU A 33 -3.48 4.67 7.29
N GLN A 34 -2.30 5.15 7.63
CA GLN A 34 -1.95 6.51 7.25
C GLN A 34 -1.88 6.62 5.72
N LEU A 35 -1.44 5.58 5.03
CA LEU A 35 -1.35 5.53 3.59
C LEU A 35 -2.77 5.61 3.00
N GLU A 36 -3.76 5.02 3.68
CA GLU A 36 -5.16 5.04 3.28
C GLU A 36 -5.70 6.46 3.36
N ASN A 37 -5.40 7.18 4.45
CA ASN A 37 -5.90 8.53 4.63
C ASN A 37 -5.06 9.55 3.86
N GLY A 38 -3.95 9.10 3.25
CA GLY A 38 -3.11 9.90 2.36
C GLY A 38 -1.94 10.55 3.09
N LYS A 39 -1.71 10.20 4.36
CA LYS A 39 -0.71 10.82 5.21
C LYS A 39 0.70 10.39 4.83
N ALA A 40 0.91 9.32 4.04
CA ALA A 40 2.20 9.00 3.45
C ALA A 40 2.06 8.98 1.93
N LYS A 41 2.30 10.10 1.26
CA LYS A 41 2.23 10.19 -0.20
C LYS A 41 3.27 9.28 -0.86
N ARG A 42 4.51 9.28 -0.35
CA ARG A 42 5.65 8.57 -0.90
C ARG A 42 6.32 7.84 0.25
N PRO A 43 5.88 6.62 0.62
CA PRO A 43 6.44 5.93 1.76
C PRO A 43 7.86 5.43 1.44
N ARG A 44 8.74 5.42 2.45
CA ARG A 44 10.12 4.95 2.43
C ARG A 44 10.30 3.46 2.10
N PHE A 45 9.22 2.76 1.77
CA PHE A 45 9.12 1.33 1.53
C PHE A 45 8.33 1.03 0.25
N LEU A 46 8.05 2.04 -0.58
CA LEU A 46 7.32 1.93 -1.85
C LEU A 46 7.69 0.67 -2.66
N PRO A 47 8.96 0.39 -3.00
CA PRO A 47 9.29 -0.80 -3.78
C PRO A 47 8.94 -2.10 -3.07
N GLU A 48 9.13 -2.18 -1.76
CA GLU A 48 8.82 -3.35 -0.97
C GLU A 48 7.32 -3.58 -0.98
N LEU A 49 6.53 -2.53 -0.72
CA LEU A 49 5.09 -2.66 -0.67
C LEU A 49 4.58 -3.02 -2.06
N ALA A 50 5.16 -2.44 -3.09
CA ALA A 50 4.79 -2.73 -4.46
C ALA A 50 5.03 -4.19 -4.80
N ARG A 51 6.26 -4.70 -4.64
CA ARG A 51 6.54 -6.08 -5.02
C ARG A 51 5.70 -7.04 -4.20
N ALA A 52 5.56 -6.82 -2.89
CA ALA A 52 4.74 -7.69 -2.07
C ALA A 52 3.25 -7.55 -2.41
N LEU A 53 2.77 -6.40 -2.89
CA LEU A 53 1.38 -6.23 -3.34
C LEU A 53 1.15 -6.83 -4.72
N GLY A 54 2.21 -6.94 -5.53
CA GLY A 54 2.19 -7.50 -6.88
C GLY A 54 2.07 -6.43 -7.95
N VAL A 55 2.55 -5.22 -7.67
CA VAL A 55 2.43 -4.04 -8.51
C VAL A 55 3.78 -3.33 -8.61
N ALA A 56 3.87 -2.28 -9.42
CA ALA A 56 5.05 -1.43 -9.52
C ALA A 56 4.98 -0.26 -8.53
N VAL A 57 6.12 0.36 -8.23
CA VAL A 57 6.26 1.69 -7.64
C VAL A 57 5.54 2.70 -8.53
N ASP A 58 5.65 2.58 -9.85
CA ASP A 58 4.88 3.41 -10.79
C ASP A 58 3.39 3.24 -10.62
N TRP A 59 2.92 2.03 -10.36
CA TRP A 59 1.51 1.80 -10.09
C TRP A 59 1.16 2.42 -8.74
N LEU A 60 2.00 2.25 -7.72
CA LEU A 60 1.78 2.86 -6.43
C LEU A 60 1.67 4.39 -6.55
N LEU A 61 2.56 5.01 -7.31
CA LEU A 61 2.62 6.45 -7.51
C LEU A 61 1.45 6.95 -8.36
N ASN A 62 1.20 6.30 -9.49
CA ASN A 62 0.36 6.83 -10.58
C ASN A 62 -0.94 6.06 -10.75
N GLY A 63 -0.96 4.75 -10.47
CA GLY A 63 -2.14 3.90 -10.60
C GLY A 63 -2.29 3.37 -12.02
N ALA A 64 -1.21 2.82 -12.58
CA ALA A 64 -1.18 2.27 -13.94
C ALA A 64 -2.39 1.38 -14.23
N MET A 1 -8.73 8.45 -8.27
CA MET A 1 -8.21 7.61 -7.19
C MET A 1 -6.85 8.17 -6.79
N LEU A 2 -6.31 7.71 -5.65
CA LEU A 2 -4.98 8.03 -5.14
C LEU A 2 -4.40 6.77 -4.51
N MET A 3 -3.22 6.88 -3.91
CA MET A 3 -2.47 5.76 -3.34
C MET A 3 -3.30 4.98 -2.36
N GLY A 4 -3.87 5.66 -1.39
CA GLY A 4 -4.55 5.03 -0.30
C GLY A 4 -5.69 4.14 -0.78
N GLU A 5 -6.59 4.70 -1.59
CA GLU A 5 -7.68 3.95 -2.18
C GLU A 5 -7.15 2.78 -2.99
N ARG A 6 -6.11 3.01 -3.79
CA ARG A 6 -5.46 2.03 -4.65
C ARG A 6 -4.85 0.87 -3.85
N ILE A 7 -4.19 1.19 -2.73
CA ILE A 7 -3.66 0.25 -1.77
C ILE A 7 -4.82 -0.55 -1.20
N ARG A 8 -5.88 0.12 -0.70
CA ARG A 8 -7.01 -0.60 -0.13
C ARG A 8 -7.61 -1.54 -1.16
N ALA A 9 -7.81 -1.05 -2.38
CA ALA A 9 -8.42 -1.77 -3.48
C ALA A 9 -7.68 -3.07 -3.71
N ARG A 10 -6.35 -3.03 -3.91
CA ARG A 10 -5.57 -4.24 -4.11
C ARG A 10 -5.62 -5.12 -2.87
N ARG A 11 -5.53 -4.57 -1.65
CA ARG A 11 -5.66 -5.35 -0.44
C ARG A 11 -6.95 -6.16 -0.45
N ILE A 12 -8.09 -5.51 -0.71
CA ILE A 12 -9.43 -6.07 -0.72
C ILE A 12 -9.61 -7.05 -1.88
N GLN A 13 -8.95 -6.82 -3.03
CA GLN A 13 -8.83 -7.76 -4.14
C GLN A 13 -8.17 -9.08 -3.73
N LEU A 14 -7.40 -9.07 -2.64
CA LEU A 14 -6.79 -10.23 -1.99
C LEU A 14 -7.54 -10.60 -0.70
N GLY A 15 -8.54 -9.81 -0.31
CA GLY A 15 -9.30 -9.94 0.92
C GLY A 15 -8.49 -9.62 2.19
N LEU A 16 -7.30 -9.04 2.05
CA LEU A 16 -6.34 -9.01 3.15
C LEU A 16 -6.72 -7.83 4.04
N ASN A 17 -6.19 -7.81 5.28
CA ASN A 17 -6.38 -6.70 6.22
C ASN A 17 -5.11 -5.84 6.23
N GLN A 18 -5.19 -4.65 6.82
CA GLN A 18 -4.08 -3.71 6.89
C GLN A 18 -2.83 -4.34 7.52
N ALA A 19 -2.96 -4.91 8.71
CA ALA A 19 -1.86 -5.49 9.45
C ALA A 19 -1.25 -6.65 8.68
N GLU A 20 -2.07 -7.43 7.98
CA GLU A 20 -1.59 -8.57 7.23
C GLU A 20 -0.71 -8.14 6.05
N LEU A 21 -1.13 -7.09 5.34
CA LEU A 21 -0.28 -6.44 4.35
C LEU A 21 0.98 -5.94 5.06
N ALA A 22 0.81 -5.23 6.17
CA ALA A 22 1.90 -4.59 6.89
C ALA A 22 2.99 -5.59 7.27
N GLN A 23 2.62 -6.72 7.88
CA GLN A 23 3.56 -7.74 8.37
C GLN A 23 4.46 -8.17 7.22
N LYS A 24 3.84 -8.60 6.12
CA LYS A 24 4.53 -9.22 5.00
C LYS A 24 5.46 -8.22 4.33
N VAL A 25 5.10 -6.93 4.29
CA VAL A 25 5.94 -5.93 3.68
C VAL A 25 7.10 -5.65 4.64
N GLY A 26 6.80 -5.41 5.92
CA GLY A 26 7.75 -5.04 6.94
C GLY A 26 7.35 -3.81 7.75
N VAL A 27 6.16 -3.25 7.55
CA VAL A 27 5.74 -1.96 8.06
C VAL A 27 4.75 -2.15 9.23
N ASP A 28 4.27 -1.07 9.83
CA ASP A 28 3.21 -1.09 10.83
C ASP A 28 1.84 -1.13 10.13
N GLN A 29 0.81 -1.65 10.80
CA GLN A 29 -0.58 -1.54 10.34
C GLN A 29 -0.92 -0.06 10.12
N GLN A 30 -0.47 0.77 11.05
CA GLN A 30 -0.61 2.21 11.02
C GLN A 30 -0.06 2.79 9.72
N ALA A 31 1.11 2.32 9.25
CA ALA A 31 1.68 2.77 7.99
C ALA A 31 0.78 2.48 6.80
N ILE A 32 0.01 1.38 6.82
CA ILE A 32 -0.98 1.08 5.79
C ILE A 32 -2.18 2.04 5.94
N GLU A 33 -2.69 2.25 7.15
CA GLU A 33 -3.85 3.12 7.39
C GLU A 33 -3.55 4.57 7.00
N GLN A 34 -2.40 5.08 7.41
CA GLN A 34 -2.03 6.44 7.08
C GLN A 34 -1.84 6.55 5.55
N LEU A 35 -1.31 5.51 4.89
CA LEU A 35 -1.20 5.51 3.44
C LEU A 35 -2.59 5.56 2.81
N GLU A 36 -3.54 4.82 3.39
CA GLU A 36 -4.95 4.82 3.00
C GLU A 36 -5.53 6.23 3.08
N ASN A 37 -5.17 7.01 4.10
CA ASN A 37 -5.53 8.39 4.29
C ASN A 37 -4.64 9.36 3.47
N GLY A 38 -3.71 8.85 2.66
CA GLY A 38 -2.78 9.66 1.88
C GLY A 38 -1.78 10.46 2.73
N LYS A 39 -1.59 10.09 3.99
CA LYS A 39 -0.83 10.86 4.95
C LYS A 39 0.65 10.68 4.59
N ALA A 40 1.07 9.45 4.24
CA ALA A 40 2.44 9.15 3.86
C ALA A 40 2.58 9.36 2.34
N LYS A 41 2.84 10.58 1.90
CA LYS A 41 2.89 10.93 0.47
C LYS A 41 4.01 10.25 -0.30
N ARG A 42 5.23 10.20 0.24
CA ARG A 42 6.41 9.57 -0.34
C ARG A 42 6.97 8.67 0.77
N PRO A 43 6.46 7.44 0.91
CA PRO A 43 6.98 6.51 1.91
C PRO A 43 8.34 5.97 1.46
N ARG A 44 9.23 5.72 2.42
CA ARG A 44 10.53 5.06 2.16
C ARG A 44 10.33 3.70 1.52
N PHE A 45 9.52 2.85 2.15
CA PHE A 45 9.33 1.45 1.83
C PHE A 45 8.60 1.22 0.50
N LEU A 46 8.33 2.25 -0.30
CA LEU A 46 7.48 2.20 -1.48
C LEU A 46 7.78 1.02 -2.42
N PRO A 47 9.03 0.74 -2.85
CA PRO A 47 9.30 -0.42 -3.69
C PRO A 47 9.16 -1.75 -2.96
N GLU A 48 9.35 -1.80 -1.64
CA GLU A 48 9.12 -2.99 -0.85
C GLU A 48 7.62 -3.29 -0.88
N LEU A 49 6.79 -2.29 -0.57
CA LEU A 49 5.35 -2.44 -0.54
C LEU A 49 4.82 -2.75 -1.92
N ALA A 50 5.35 -2.12 -2.96
CA ALA A 50 4.96 -2.41 -4.33
C ALA A 50 5.26 -3.86 -4.69
N ARG A 51 6.48 -4.35 -4.41
CA ARG A 51 6.83 -5.74 -4.66
C ARG A 51 5.92 -6.67 -3.87
N ALA A 52 5.77 -6.43 -2.56
CA ALA A 52 4.94 -7.24 -1.70
C ALA A 52 3.49 -7.23 -2.20
N LEU A 53 2.97 -6.09 -2.66
CA LEU A 53 1.62 -5.96 -3.21
C LEU A 53 1.53 -6.59 -4.60
N GLY A 54 2.65 -6.72 -5.31
CA GLY A 54 2.72 -7.30 -6.63
C GLY A 54 2.14 -6.35 -7.66
N VAL A 55 2.54 -5.08 -7.58
CA VAL A 55 2.24 -4.04 -8.57
C VAL A 55 3.49 -3.18 -8.75
N ALA A 56 3.54 -2.35 -9.79
CA ALA A 56 4.67 -1.45 -10.01
C ALA A 56 4.68 -0.32 -8.97
N VAL A 57 5.83 0.27 -8.68
CA VAL A 57 5.92 1.54 -7.95
C VAL A 57 5.22 2.62 -8.77
N ASP A 58 5.33 2.57 -10.10
CA ASP A 58 4.61 3.49 -10.98
C ASP A 58 3.10 3.31 -10.83
N TRP A 59 2.62 2.07 -10.77
CA TRP A 59 1.21 1.82 -10.50
C TRP A 59 0.87 2.35 -9.12
N LEU A 60 1.73 2.16 -8.13
CA LEU A 60 1.47 2.68 -6.81
C LEU A 60 1.37 4.20 -6.82
N LEU A 61 2.29 4.93 -7.44
CA LEU A 61 2.25 6.38 -7.45
C LEU A 61 1.11 6.91 -8.31
N ASN A 62 1.04 6.46 -9.56
CA ASN A 62 0.12 6.96 -10.57
C ASN A 62 -1.20 6.21 -10.57
N GLY A 63 -1.15 4.89 -10.60
CA GLY A 63 -2.33 4.02 -10.70
C GLY A 63 -2.90 4.14 -12.09
N ALA A 64 -2.33 3.38 -13.03
CA ALA A 64 -2.57 3.51 -14.46
C ALA A 64 -2.57 4.98 -14.89
N MET A 1 -7.31 6.63 -9.86
CA MET A 1 -7.74 6.71 -8.47
C MET A 1 -6.68 7.47 -7.67
N LEU A 2 -6.86 7.63 -6.36
CA LEU A 2 -5.82 8.14 -5.48
C LEU A 2 -4.85 7.00 -5.13
N MET A 3 -3.71 7.35 -4.56
CA MET A 3 -2.71 6.42 -4.03
C MET A 3 -3.24 5.67 -2.83
N GLY A 4 -3.72 6.37 -1.80
CA GLY A 4 -4.29 5.76 -0.60
C GLY A 4 -5.36 4.75 -1.00
N GLU A 5 -6.26 5.17 -1.90
CA GLU A 5 -7.31 4.31 -2.42
C GLU A 5 -6.74 3.16 -3.24
N ARG A 6 -5.68 3.34 -4.04
CA ARG A 6 -5.04 2.24 -4.76
C ARG A 6 -4.58 1.18 -3.78
N ILE A 7 -3.86 1.58 -2.73
CA ILE A 7 -3.30 0.67 -1.74
C ILE A 7 -4.46 -0.10 -1.10
N ARG A 8 -5.48 0.64 -0.63
CA ARG A 8 -6.67 0.07 -0.03
C ARG A 8 -7.38 -0.90 -0.97
N ALA A 9 -7.56 -0.51 -2.23
CA ALA A 9 -8.26 -1.30 -3.24
C ALA A 9 -7.49 -2.60 -3.48
N ARG A 10 -6.18 -2.52 -3.67
CA ARG A 10 -5.33 -3.69 -3.92
C ARG A 10 -5.33 -4.60 -2.69
N ARG A 11 -5.34 -4.05 -1.48
CA ARG A 11 -5.39 -4.87 -0.28
C ARG A 11 -6.69 -5.66 -0.22
N ILE A 12 -7.83 -4.99 -0.39
CA ILE A 12 -9.15 -5.59 -0.42
C ILE A 12 -9.26 -6.55 -1.61
N GLN A 13 -8.60 -6.27 -2.73
CA GLN A 13 -8.50 -7.19 -3.86
C GLN A 13 -7.83 -8.52 -3.46
N LEU A 14 -6.84 -8.46 -2.57
CA LEU A 14 -6.22 -9.62 -1.95
C LEU A 14 -7.03 -10.10 -0.72
N GLY A 15 -8.05 -9.34 -0.31
CA GLY A 15 -8.91 -9.56 0.84
C GLY A 15 -8.17 -9.45 2.16
N LEU A 16 -6.96 -8.88 2.19
CA LEU A 16 -6.13 -8.95 3.39
C LEU A 16 -6.55 -7.79 4.30
N ASN A 17 -6.18 -7.86 5.59
CA ASN A 17 -6.35 -6.73 6.51
C ASN A 17 -5.11 -5.86 6.50
N GLN A 18 -5.19 -4.65 7.04
CA GLN A 18 -4.04 -3.76 7.17
C GLN A 18 -2.89 -4.45 7.88
N ALA A 19 -3.20 -5.17 8.96
CA ALA A 19 -2.22 -5.85 9.79
C ALA A 19 -1.45 -6.91 9.00
N GLU A 20 -2.15 -7.61 8.12
CA GLU A 20 -1.58 -8.68 7.34
C GLU A 20 -0.74 -8.11 6.21
N LEU A 21 -1.28 -7.12 5.46
CA LEU A 21 -0.49 -6.46 4.43
C LEU A 21 0.78 -5.90 5.05
N ALA A 22 0.65 -5.24 6.20
CA ALA A 22 1.76 -4.68 6.93
C ALA A 22 2.85 -5.72 7.13
N GLN A 23 2.51 -6.82 7.80
CA GLN A 23 3.47 -7.88 8.10
C GLN A 23 4.09 -8.46 6.84
N LYS A 24 3.30 -8.73 5.80
CA LYS A 24 3.77 -9.31 4.55
C LYS A 24 4.51 -8.29 3.66
N VAL A 25 4.58 -7.01 4.04
CA VAL A 25 5.50 -6.02 3.48
C VAL A 25 6.74 -5.90 4.38
N GLY A 26 6.57 -5.97 5.71
CA GLY A 26 7.59 -5.71 6.73
C GLY A 26 7.29 -4.48 7.61
N VAL A 27 6.15 -3.83 7.43
CA VAL A 27 5.79 -2.57 8.06
C VAL A 27 4.80 -2.82 9.20
N ASP A 28 4.36 -1.76 9.87
CA ASP A 28 3.36 -1.75 10.92
C ASP A 28 1.99 -1.66 10.26
N GLN A 29 0.95 -2.15 10.96
CA GLN A 29 -0.44 -1.95 10.56
C GLN A 29 -0.75 -0.46 10.42
N GLN A 30 -0.26 0.32 11.38
CA GLN A 30 -0.44 1.76 11.40
C GLN A 30 0.10 2.37 10.10
N ALA A 31 1.28 1.93 9.63
CA ALA A 31 1.87 2.40 8.38
C ALA A 31 0.99 2.15 7.17
N ILE A 32 0.20 1.07 7.14
CA ILE A 32 -0.78 0.86 6.08
C ILE A 32 -1.93 1.85 6.26
N GLU A 33 -2.47 2.00 7.47
CA GLU A 33 -3.60 2.88 7.75
C GLU A 33 -3.31 4.31 7.32
N GLN A 34 -2.17 4.87 7.74
CA GLN A 34 -1.78 6.22 7.35
C GLN A 34 -1.59 6.33 5.83
N LEU A 35 -1.11 5.28 5.17
CA LEU A 35 -0.89 5.31 3.75
C LEU A 35 -2.21 5.38 3.02
N GLU A 36 -3.14 4.52 3.45
CA GLU A 36 -4.48 4.41 2.90
C GLU A 36 -5.29 5.68 3.17
N ASN A 37 -4.99 6.37 4.28
CA ASN A 37 -5.53 7.67 4.64
C ASN A 37 -5.05 8.78 3.72
N GLY A 38 -3.96 8.57 2.96
CA GLY A 38 -3.30 9.63 2.23
C GLY A 38 -2.37 10.47 3.11
N LYS A 39 -1.99 9.99 4.30
CA LYS A 39 -1.07 10.70 5.18
C LYS A 39 0.33 10.57 4.60
N ALA A 40 0.83 9.36 4.31
CA ALA A 40 2.10 9.22 3.60
C ALA A 40 1.81 9.33 2.11
N LYS A 41 2.39 10.30 1.42
CA LYS A 41 2.32 10.35 -0.04
C LYS A 41 3.33 9.33 -0.58
N ARG A 42 4.63 9.62 -0.47
CA ARG A 42 5.71 8.71 -0.86
C ARG A 42 6.27 8.12 0.44
N PRO A 43 5.91 6.90 0.84
CA PRO A 43 6.54 6.27 2.00
C PRO A 43 7.99 5.90 1.65
N ARG A 44 8.87 5.80 2.64
CA ARG A 44 10.26 5.36 2.43
C ARG A 44 10.31 3.95 1.84
N PHE A 45 9.42 3.07 2.28
CA PHE A 45 9.33 1.68 1.84
C PHE A 45 8.47 1.53 0.57
N LEU A 46 8.21 2.58 -0.21
CA LEU A 46 7.38 2.56 -1.41
C LEU A 46 7.67 1.36 -2.33
N PRO A 47 8.91 1.03 -2.70
CA PRO A 47 9.16 -0.15 -3.51
C PRO A 47 8.94 -1.47 -2.74
N GLU A 48 9.14 -1.54 -1.43
CA GLU A 48 8.88 -2.75 -0.65
C GLU A 48 7.37 -2.99 -0.60
N LEU A 49 6.59 -1.92 -0.40
CA LEU A 49 5.14 -1.97 -0.47
C LEU A 49 4.76 -2.44 -1.84
N ALA A 50 5.23 -1.77 -2.90
CA ALA A 50 4.77 -2.10 -4.25
C ALA A 50 5.12 -3.54 -4.60
N ARG A 51 6.34 -3.99 -4.29
CA ARG A 51 6.78 -5.36 -4.50
C ARG A 51 5.85 -6.33 -3.78
N ALA A 52 5.61 -6.12 -2.49
CA ALA A 52 4.73 -6.96 -1.69
C ALA A 52 3.27 -6.90 -2.17
N LEU A 53 2.77 -5.72 -2.58
CA LEU A 53 1.45 -5.54 -3.17
C LEU A 53 1.39 -6.23 -4.54
N GLY A 54 2.54 -6.44 -5.20
CA GLY A 54 2.68 -7.06 -6.50
C GLY A 54 2.34 -6.07 -7.61
N VAL A 55 2.81 -4.84 -7.51
CA VAL A 55 2.61 -3.80 -8.53
C VAL A 55 3.93 -3.02 -8.66
N ALA A 56 4.04 -2.19 -9.70
CA ALA A 56 5.14 -1.25 -9.83
C ALA A 56 4.93 -0.06 -8.89
N VAL A 57 6.00 0.61 -8.46
CA VAL A 57 5.90 1.94 -7.85
C VAL A 57 5.28 2.90 -8.87
N ASP A 58 5.56 2.74 -10.16
CA ASP A 58 4.89 3.50 -11.20
C ASP A 58 3.37 3.30 -11.19
N TRP A 59 2.91 2.07 -10.95
CA TRP A 59 1.48 1.80 -10.77
C TRP A 59 1.00 2.50 -9.51
N LEU A 60 1.77 2.42 -8.42
CA LEU A 60 1.40 3.11 -7.19
C LEU A 60 1.20 4.59 -7.45
N LEU A 61 2.13 5.24 -8.14
CA LEU A 61 2.04 6.65 -8.48
C LEU A 61 0.88 6.95 -9.42
N ASN A 62 0.77 6.22 -10.53
CA ASN A 62 -0.10 6.56 -11.65
C ASN A 62 -1.43 5.80 -11.68
N GLY A 63 -1.39 4.49 -11.46
CA GLY A 63 -2.54 3.60 -11.50
C GLY A 63 -2.80 3.07 -12.91
N ALA A 64 -1.93 2.16 -13.39
CA ALA A 64 -2.16 1.44 -14.63
C ALA A 64 -3.32 0.45 -14.48
N MET A 1 -8.06 7.53 -9.65
CA MET A 1 -8.19 7.24 -8.23
C MET A 1 -6.96 7.74 -7.46
N LEU A 2 -6.96 7.68 -6.14
CA LEU A 2 -5.79 8.08 -5.33
C LEU A 2 -4.92 6.88 -4.99
N MET A 3 -3.78 7.17 -4.35
CA MET A 3 -2.87 6.19 -3.76
C MET A 3 -3.55 5.46 -2.62
N GLY A 4 -4.10 6.22 -1.65
CA GLY A 4 -4.85 5.67 -0.54
C GLY A 4 -5.93 4.69 -1.01
N GLU A 5 -6.66 5.04 -2.06
CA GLU A 5 -7.65 4.15 -2.67
C GLU A 5 -6.96 2.93 -3.27
N ARG A 6 -5.90 3.10 -4.06
CA ARG A 6 -5.21 2.03 -4.77
C ARG A 6 -4.74 0.98 -3.77
N ILE A 7 -4.17 1.43 -2.66
CA ILE A 7 -3.66 0.59 -1.61
C ILE A 7 -4.81 -0.19 -0.99
N ARG A 8 -5.93 0.46 -0.64
CA ARG A 8 -7.08 -0.31 -0.16
C ARG A 8 -7.55 -1.29 -1.22
N ALA A 9 -7.69 -0.85 -2.47
CA ALA A 9 -8.24 -1.62 -3.56
C ALA A 9 -7.49 -2.93 -3.71
N ARG A 10 -6.16 -2.84 -3.86
CA ARG A 10 -5.32 -3.99 -4.11
C ARG A 10 -5.25 -4.89 -2.87
N ARG A 11 -5.28 -4.33 -1.65
CA ARG A 11 -5.41 -5.10 -0.42
C ARG A 11 -6.70 -5.92 -0.45
N ILE A 12 -7.84 -5.26 -0.59
CA ILE A 12 -9.17 -5.87 -0.63
C ILE A 12 -9.24 -6.92 -1.74
N GLN A 13 -8.55 -6.74 -2.86
CA GLN A 13 -8.48 -7.73 -3.94
C GLN A 13 -7.94 -9.08 -3.50
N LEU A 14 -7.04 -9.07 -2.51
CA LEU A 14 -6.48 -10.27 -1.89
C LEU A 14 -7.24 -10.62 -0.60
N GLY A 15 -8.20 -9.78 -0.19
CA GLY A 15 -9.09 -10.00 0.94
C GLY A 15 -8.33 -10.17 2.24
N LEU A 16 -7.22 -9.45 2.39
CA LEU A 16 -6.39 -9.38 3.57
C LEU A 16 -6.47 -7.99 4.21
N ASN A 17 -6.03 -7.89 5.46
CA ASN A 17 -6.20 -6.68 6.27
C ASN A 17 -4.96 -5.80 6.20
N GLN A 18 -5.07 -4.57 6.70
CA GLN A 18 -3.91 -3.69 6.92
C GLN A 18 -2.82 -4.42 7.70
N ALA A 19 -3.15 -5.09 8.80
CA ALA A 19 -2.20 -5.80 9.64
C ALA A 19 -1.45 -6.87 8.84
N GLU A 20 -2.16 -7.56 7.95
CA GLU A 20 -1.58 -8.66 7.19
C GLU A 20 -0.63 -8.12 6.14
N LEU A 21 -1.10 -7.15 5.34
CA LEU A 21 -0.27 -6.49 4.35
C LEU A 21 0.97 -5.92 5.05
N ALA A 22 0.76 -5.23 6.16
CA ALA A 22 1.82 -4.61 6.94
C ALA A 22 2.87 -5.64 7.35
N GLN A 23 2.47 -6.76 7.93
CA GLN A 23 3.40 -7.77 8.42
C GLN A 23 4.28 -8.28 7.29
N LYS A 24 3.72 -8.51 6.10
CA LYS A 24 4.47 -9.07 5.00
C LYS A 24 5.43 -8.01 4.43
N VAL A 25 4.99 -6.75 4.29
CA VAL A 25 5.84 -5.69 3.79
C VAL A 25 6.86 -5.28 4.87
N GLY A 26 6.67 -5.69 6.13
CA GLY A 26 7.57 -5.45 7.24
C GLY A 26 7.41 -4.07 7.87
N VAL A 27 6.24 -3.47 7.71
CA VAL A 27 5.85 -2.19 8.25
C VAL A 27 4.89 -2.40 9.44
N ASP A 28 4.42 -1.33 10.08
CA ASP A 28 3.37 -1.39 11.09
C ASP A 28 2.05 -1.34 10.32
N GLN A 29 0.95 -1.83 10.92
CA GLN A 29 -0.40 -1.62 10.41
C GLN A 29 -0.66 -0.12 10.20
N GLN A 30 -0.18 0.70 11.14
CA GLN A 30 -0.29 2.15 11.10
C GLN A 30 0.19 2.70 9.77
N ALA A 31 1.33 2.21 9.24
CA ALA A 31 1.85 2.64 7.96
C ALA A 31 0.81 2.47 6.85
N ILE A 32 0.06 1.37 6.84
CA ILE A 32 -0.95 1.12 5.81
C ILE A 32 -2.14 2.05 6.05
N GLU A 33 -2.57 2.26 7.31
CA GLU A 33 -3.70 3.13 7.64
C GLU A 33 -3.38 4.58 7.25
N GLN A 34 -2.18 5.06 7.58
CA GLN A 34 -1.80 6.41 7.23
C GLN A 34 -1.72 6.54 5.70
N LEU A 35 -1.24 5.51 5.00
CA LEU A 35 -1.09 5.58 3.55
C LEU A 35 -2.48 5.63 2.92
N GLU A 36 -3.45 4.94 3.54
CA GLU A 36 -4.86 5.02 3.15
C GLU A 36 -5.38 6.45 3.28
N ASN A 37 -5.15 7.10 4.43
CA ASN A 37 -5.57 8.46 4.69
C ASN A 37 -4.91 9.49 3.77
N GLY A 38 -3.89 9.11 2.97
CA GLY A 38 -3.05 10.08 2.29
C GLY A 38 -2.09 10.77 3.25
N LYS A 39 -1.96 10.25 4.49
CA LYS A 39 -1.12 10.83 5.51
C LYS A 39 0.33 10.54 5.15
N ALA A 40 0.66 9.45 4.44
CA ALA A 40 1.91 9.34 3.71
C ALA A 40 1.56 9.27 2.22
N LYS A 41 2.49 9.73 1.38
CA LYS A 41 2.44 9.64 -0.07
C LYS A 41 3.62 8.80 -0.51
N ARG A 42 4.86 9.27 -0.31
CA ARG A 42 6.07 8.50 -0.55
C ARG A 42 6.51 7.92 0.79
N PRO A 43 6.28 6.64 1.08
CA PRO A 43 6.92 6.00 2.22
C PRO A 43 8.37 5.63 1.86
N ARG A 44 9.21 5.41 2.89
CA ARG A 44 10.57 4.87 2.73
C ARG A 44 10.58 3.49 2.10
N PHE A 45 9.48 2.76 2.20
CA PHE A 45 9.35 1.36 1.82
C PHE A 45 8.55 1.24 0.51
N LEU A 46 8.41 2.29 -0.30
CA LEU A 46 7.57 2.31 -1.50
C LEU A 46 7.82 1.14 -2.46
N PRO A 47 9.06 0.79 -2.88
CA PRO A 47 9.25 -0.35 -3.75
C PRO A 47 9.03 -1.69 -3.03
N GLU A 48 9.22 -1.75 -1.70
CA GLU A 48 8.93 -2.93 -0.91
C GLU A 48 7.42 -3.14 -0.90
N LEU A 49 6.65 -2.07 -0.66
CA LEU A 49 5.20 -2.09 -0.70
C LEU A 49 4.78 -2.53 -2.07
N ALA A 50 5.30 -1.92 -3.14
CA ALA A 50 4.85 -2.28 -4.47
C ALA A 50 5.13 -3.75 -4.80
N ARG A 51 6.35 -4.22 -4.55
CA ARG A 51 6.70 -5.62 -4.82
C ARG A 51 5.86 -6.57 -3.96
N ALA A 52 5.68 -6.24 -2.67
CA ALA A 52 4.84 -7.01 -1.75
C ALA A 52 3.41 -7.01 -2.25
N LEU A 53 2.86 -5.85 -2.62
CA LEU A 53 1.50 -5.73 -3.12
C LEU A 53 1.37 -6.62 -4.35
N GLY A 54 2.32 -6.51 -5.27
CA GLY A 54 2.34 -7.19 -6.55
C GLY A 54 1.89 -6.20 -7.63
N VAL A 55 2.51 -5.03 -7.67
CA VAL A 55 2.35 -3.97 -8.68
C VAL A 55 3.72 -3.29 -8.85
N ALA A 56 3.84 -2.34 -9.78
CA ALA A 56 5.00 -1.45 -9.86
C ALA A 56 4.82 -0.25 -8.92
N VAL A 57 5.91 0.40 -8.52
CA VAL A 57 5.89 1.73 -7.92
C VAL A 57 5.23 2.72 -8.89
N ASP A 58 5.41 2.56 -10.19
CA ASP A 58 4.71 3.36 -11.20
C ASP A 58 3.19 3.21 -11.11
N TRP A 59 2.69 2.00 -10.86
CA TRP A 59 1.26 1.80 -10.61
C TRP A 59 0.88 2.49 -9.30
N LEU A 60 1.69 2.34 -8.26
CA LEU A 60 1.42 2.99 -6.99
C LEU A 60 1.31 4.50 -7.18
N LEU A 61 2.29 5.13 -7.83
CA LEU A 61 2.30 6.56 -8.08
C LEU A 61 1.13 6.95 -9.00
N ASN A 62 1.08 6.36 -10.19
CA ASN A 62 0.29 6.87 -11.30
C ASN A 62 -1.04 6.17 -11.44
N GLY A 63 -1.10 4.85 -11.26
CA GLY A 63 -2.35 4.09 -11.18
C GLY A 63 -2.91 3.64 -12.51
N ALA A 64 -2.04 3.25 -13.45
CA ALA A 64 -2.37 3.04 -14.86
C ALA A 64 -3.07 4.25 -15.47
N MET A 1 -9.00 8.07 -8.63
CA MET A 1 -8.60 7.71 -7.28
C MET A 1 -7.19 8.23 -6.98
N LEU A 2 -6.75 8.14 -5.72
CA LEU A 2 -5.40 8.52 -5.27
C LEU A 2 -4.77 7.32 -4.59
N MET A 3 -3.57 7.52 -4.05
CA MET A 3 -2.71 6.49 -3.48
C MET A 3 -3.46 5.69 -2.43
N GLY A 4 -4.04 6.38 -1.46
CA GLY A 4 -4.61 5.70 -0.32
C GLY A 4 -5.76 4.77 -0.71
N GLU A 5 -6.66 5.27 -1.56
CA GLU A 5 -7.75 4.46 -2.08
C GLU A 5 -7.21 3.31 -2.93
N ARG A 6 -6.22 3.60 -3.78
CA ARG A 6 -5.52 2.62 -4.61
C ARG A 6 -4.96 1.48 -3.76
N ILE A 7 -4.28 1.80 -2.67
CA ILE A 7 -3.71 0.82 -1.76
C ILE A 7 -4.84 0.03 -1.10
N ARG A 8 -5.85 0.71 -0.53
CA ARG A 8 -6.98 0.01 0.10
C ARG A 8 -7.69 -0.92 -0.86
N ALA A 9 -7.99 -0.45 -2.07
CA ALA A 9 -8.71 -1.20 -3.08
C ALA A 9 -7.95 -2.47 -3.39
N ARG A 10 -6.66 -2.34 -3.67
CA ARG A 10 -5.82 -3.45 -4.05
C ARG A 10 -5.53 -4.40 -2.88
N ARG A 11 -5.39 -3.90 -1.65
CA ARG A 11 -5.29 -4.77 -0.48
C ARG A 11 -6.53 -5.65 -0.38
N ILE A 12 -7.71 -5.03 -0.49
CA ILE A 12 -8.98 -5.71 -0.44
C ILE A 12 -9.13 -6.64 -1.65
N GLN A 13 -8.59 -6.28 -2.82
CA GLN A 13 -8.47 -7.19 -3.96
C GLN A 13 -7.68 -8.46 -3.65
N LEU A 14 -6.64 -8.36 -2.82
CA LEU A 14 -5.92 -9.52 -2.31
C LEU A 14 -6.67 -10.17 -1.14
N GLY A 15 -7.65 -9.46 -0.55
CA GLY A 15 -8.55 -9.94 0.48
C GLY A 15 -7.84 -10.25 1.78
N LEU A 16 -6.85 -9.43 2.18
CA LEU A 16 -6.10 -9.52 3.41
C LEU A 16 -6.17 -8.23 4.22
N ASN A 17 -5.80 -8.34 5.50
CA ASN A 17 -5.99 -7.27 6.47
C ASN A 17 -4.86 -6.25 6.36
N GLN A 18 -5.05 -5.06 6.93
CA GLN A 18 -4.02 -4.02 6.98
C GLN A 18 -2.80 -4.54 7.73
N ALA A 19 -3.03 -5.27 8.84
CA ALA A 19 -2.02 -5.90 9.67
C ALA A 19 -1.21 -6.86 8.83
N GLU A 20 -1.88 -7.76 8.13
CA GLU A 20 -1.23 -8.80 7.35
C GLU A 20 -0.41 -8.23 6.20
N LEU A 21 -0.96 -7.27 5.45
CA LEU A 21 -0.19 -6.60 4.42
C LEU A 21 1.04 -5.99 5.07
N ALA A 22 0.83 -5.18 6.11
CA ALA A 22 1.89 -4.50 6.84
C ALA A 22 3.00 -5.47 7.22
N GLN A 23 2.66 -6.56 7.90
CA GLN A 23 3.58 -7.58 8.39
C GLN A 23 4.41 -8.13 7.23
N LYS A 24 3.78 -8.46 6.10
CA LYS A 24 4.50 -8.98 4.95
C LYS A 24 5.44 -7.95 4.32
N VAL A 25 5.08 -6.66 4.31
CA VAL A 25 5.96 -5.61 3.83
C VAL A 25 6.96 -5.19 4.95
N GLY A 26 6.75 -5.69 6.17
CA GLY A 26 7.54 -5.45 7.37
C GLY A 26 7.40 -4.05 7.92
N VAL A 27 6.23 -3.45 7.72
CA VAL A 27 5.80 -2.19 8.27
C VAL A 27 4.76 -2.41 9.37
N ASP A 28 4.33 -1.33 10.01
CA ASP A 28 3.28 -1.32 11.01
C ASP A 28 1.93 -1.31 10.29
N GLN A 29 0.87 -1.83 10.93
CA GLN A 29 -0.49 -1.66 10.44
C GLN A 29 -0.79 -0.17 10.24
N GLN A 30 -0.31 0.66 11.17
CA GLN A 30 -0.45 2.10 11.16
C GLN A 30 0.09 2.69 9.84
N ALA A 31 1.25 2.23 9.36
CA ALA A 31 1.80 2.65 8.07
C ALA A 31 0.80 2.40 6.94
N ILE A 32 0.10 1.26 6.92
CA ILE A 32 -0.88 0.96 5.89
C ILE A 32 -2.10 1.87 6.09
N GLU A 33 -2.57 2.06 7.32
CA GLU A 33 -3.69 2.94 7.61
C GLU A 33 -3.40 4.36 7.09
N GLN A 34 -2.25 4.92 7.46
CA GLN A 34 -1.96 6.29 7.11
C GLN A 34 -1.82 6.42 5.59
N LEU A 35 -1.27 5.40 4.93
CA LEU A 35 -1.09 5.39 3.49
C LEU A 35 -2.48 5.43 2.86
N GLU A 36 -3.38 4.61 3.38
CA GLU A 36 -4.74 4.47 2.87
C GLU A 36 -5.58 5.74 3.06
N ASN A 37 -5.24 6.57 4.06
CA ASN A 37 -5.80 7.92 4.19
C ASN A 37 -5.07 8.96 3.32
N GLY A 38 -3.94 8.62 2.72
CA GLY A 38 -3.15 9.48 1.85
C GLY A 38 -2.02 10.21 2.57
N LYS A 39 -1.79 9.94 3.86
CA LYS A 39 -0.88 10.71 4.71
C LYS A 39 0.59 10.42 4.39
N ALA A 40 0.98 9.23 3.93
CA ALA A 40 2.33 9.02 3.44
C ALA A 40 2.31 9.16 1.91
N LYS A 41 2.67 10.34 1.40
CA LYS A 41 2.72 10.68 -0.02
C LYS A 41 3.52 9.65 -0.80
N ARG A 42 4.80 9.52 -0.47
CA ARG A 42 5.65 8.42 -0.89
C ARG A 42 6.10 7.77 0.40
N PRO A 43 5.72 6.54 0.70
CA PRO A 43 6.24 5.84 1.87
C PRO A 43 7.73 5.53 1.63
N ARG A 44 8.54 5.43 2.68
CA ARG A 44 9.96 5.09 2.53
C ARG A 44 10.14 3.74 1.85
N PHE A 45 9.17 2.86 2.04
CA PHE A 45 9.17 1.46 1.63
C PHE A 45 8.35 1.28 0.35
N LEU A 46 8.12 2.34 -0.46
CA LEU A 46 7.38 2.31 -1.71
C LEU A 46 7.68 1.09 -2.60
N PRO A 47 8.93 0.75 -2.94
CA PRO A 47 9.18 -0.44 -3.77
C PRO A 47 8.88 -1.74 -3.03
N GLU A 48 9.02 -1.77 -1.71
CA GLU A 48 8.70 -2.93 -0.90
C GLU A 48 7.18 -3.13 -0.93
N LEU A 49 6.42 -2.06 -0.74
CA LEU A 49 4.97 -2.08 -0.76
C LEU A 49 4.54 -2.53 -2.14
N ALA A 50 5.07 -1.94 -3.22
CA ALA A 50 4.66 -2.35 -4.56
C ALA A 50 4.97 -3.82 -4.83
N ARG A 51 6.16 -4.30 -4.45
CA ARG A 51 6.54 -5.71 -4.61
C ARG A 51 5.57 -6.60 -3.86
N ALA A 52 5.29 -6.26 -2.59
CA ALA A 52 4.37 -6.99 -1.73
C ALA A 52 2.95 -6.97 -2.32
N LEU A 53 2.46 -5.81 -2.73
CA LEU A 53 1.15 -5.61 -3.33
C LEU A 53 1.05 -6.31 -4.68
N GLY A 54 2.18 -6.55 -5.35
CA GLY A 54 2.26 -7.26 -6.61
C GLY A 54 1.98 -6.31 -7.77
N VAL A 55 2.48 -5.08 -7.69
CA VAL A 55 2.26 -4.04 -8.70
C VAL A 55 3.60 -3.31 -8.93
N ALA A 56 3.64 -2.38 -9.89
CA ALA A 56 4.78 -1.50 -10.07
C ALA A 56 4.80 -0.40 -9.01
N VAL A 57 5.97 0.16 -8.73
CA VAL A 57 6.12 1.44 -8.02
C VAL A 57 5.36 2.52 -8.79
N ASP A 58 5.43 2.54 -10.11
CA ASP A 58 4.74 3.58 -10.85
C ASP A 58 3.24 3.32 -10.91
N TRP A 59 2.79 2.08 -10.69
CA TRP A 59 1.38 1.82 -10.45
C TRP A 59 1.02 2.38 -9.08
N LEU A 60 1.82 2.12 -8.06
CA LEU A 60 1.60 2.68 -6.74
C LEU A 60 1.51 4.20 -6.77
N LEU A 61 2.42 4.86 -7.52
CA LEU A 61 2.45 6.29 -7.70
C LEU A 61 1.25 6.77 -8.52
N ASN A 62 1.11 6.27 -9.75
CA ASN A 62 0.22 6.84 -10.77
C ASN A 62 -1.06 6.06 -11.01
N GLY A 63 -1.14 4.80 -10.61
CA GLY A 63 -2.36 3.98 -10.66
C GLY A 63 -2.57 3.26 -11.98
N ALA A 64 -1.57 3.23 -12.86
CA ALA A 64 -1.59 2.41 -14.07
C ALA A 64 -0.16 2.17 -14.54
N MET A 1 -9.64 7.90 -9.03
CA MET A 1 -9.09 7.22 -7.88
C MET A 1 -7.76 7.89 -7.49
N LEU A 2 -7.35 7.69 -6.25
CA LEU A 2 -6.16 8.27 -5.63
C LEU A 2 -5.36 7.16 -4.96
N MET A 3 -4.19 7.47 -4.42
CA MET A 3 -3.31 6.51 -3.78
C MET A 3 -4.03 5.74 -2.69
N GLY A 4 -4.64 6.44 -1.74
CA GLY A 4 -5.21 5.80 -0.57
C GLY A 4 -6.24 4.76 -0.97
N GLU A 5 -7.14 5.16 -1.88
CA GLU A 5 -8.20 4.31 -2.41
C GLU A 5 -7.62 3.16 -3.22
N ARG A 6 -6.60 3.42 -4.04
CA ARG A 6 -5.87 2.42 -4.81
C ARG A 6 -5.28 1.37 -3.87
N ILE A 7 -4.59 1.79 -2.82
CA ILE A 7 -3.94 0.89 -1.88
C ILE A 7 -5.02 0.06 -1.20
N ARG A 8 -6.10 0.70 -0.72
CA ARG A 8 -7.22 -0.01 -0.12
C ARG A 8 -7.80 -1.02 -1.10
N ALA A 9 -8.02 -0.62 -2.34
CA ALA A 9 -8.56 -1.45 -3.41
C ALA A 9 -7.70 -2.70 -3.55
N ARG A 10 -6.40 -2.54 -3.75
CA ARG A 10 -5.48 -3.65 -4.01
C ARG A 10 -5.41 -4.57 -2.80
N ARG A 11 -5.46 -4.01 -1.58
CA ARG A 11 -5.49 -4.84 -0.39
C ARG A 11 -6.72 -5.74 -0.39
N ILE A 12 -7.89 -5.20 -0.67
CA ILE A 12 -9.14 -5.96 -0.76
C ILE A 12 -9.11 -6.93 -1.94
N GLN A 13 -8.46 -6.56 -3.04
CA GLN A 13 -8.16 -7.43 -4.18
C GLN A 13 -7.24 -8.62 -3.82
N LEU A 14 -6.50 -8.52 -2.72
CA LEU A 14 -5.77 -9.63 -2.12
C LEU A 14 -6.53 -10.21 -0.90
N GLY A 15 -7.64 -9.60 -0.52
CA GLY A 15 -8.60 -10.07 0.44
C GLY A 15 -8.01 -10.21 1.84
N LEU A 16 -7.11 -9.31 2.23
CA LEU A 16 -6.40 -9.30 3.49
C LEU A 16 -6.44 -7.96 4.24
N ASN A 17 -6.09 -8.00 5.52
CA ASN A 17 -6.21 -6.87 6.45
C ASN A 17 -5.00 -5.95 6.32
N GLN A 18 -5.07 -4.76 6.92
CA GLN A 18 -3.93 -3.85 7.00
C GLN A 18 -2.77 -4.53 7.70
N ALA A 19 -3.01 -5.14 8.86
CA ALA A 19 -2.00 -5.78 9.70
C ALA A 19 -1.31 -6.87 8.91
N GLU A 20 -2.09 -7.67 8.18
CA GLU A 20 -1.61 -8.82 7.46
C GLU A 20 -0.81 -8.43 6.22
N LEU A 21 -1.21 -7.36 5.53
CA LEU A 21 -0.35 -6.76 4.52
C LEU A 21 0.94 -6.32 5.22
N ALA A 22 0.81 -5.47 6.23
CA ALA A 22 1.89 -4.79 6.90
C ALA A 22 2.98 -5.75 7.33
N GLN A 23 2.62 -6.87 8.00
CA GLN A 23 3.58 -7.82 8.51
C GLN A 23 4.46 -8.37 7.37
N LYS A 24 3.85 -8.70 6.23
CA LYS A 24 4.56 -9.27 5.11
C LYS A 24 5.51 -8.26 4.52
N VAL A 25 5.14 -6.98 4.45
CA VAL A 25 6.03 -5.98 3.91
C VAL A 25 7.13 -5.66 4.93
N GLY A 26 6.86 -5.85 6.24
CA GLY A 26 7.75 -5.50 7.32
C GLY A 26 7.48 -4.11 7.88
N VAL A 27 6.32 -3.52 7.58
CA VAL A 27 5.91 -2.21 7.98
C VAL A 27 4.85 -2.31 9.09
N ASP A 28 4.44 -1.17 9.63
CA ASP A 28 3.46 -1.04 10.69
C ASP A 28 2.06 -1.11 10.07
N GLN A 29 1.07 -1.55 10.85
CA GLN A 29 -0.34 -1.45 10.48
C GLN A 29 -0.72 0.01 10.28
N GLN A 30 -0.18 0.89 11.13
CA GLN A 30 -0.23 2.33 10.96
C GLN A 30 0.26 2.76 9.58
N ALA A 31 1.36 2.21 9.08
CA ALA A 31 1.88 2.61 7.79
C ALA A 31 0.90 2.32 6.65
N ILE A 32 0.09 1.27 6.76
CA ILE A 32 -0.95 0.99 5.78
C ILE A 32 -2.12 1.93 5.97
N GLU A 33 -2.60 2.13 7.21
CA GLU A 33 -3.78 2.96 7.47
C GLU A 33 -3.50 4.40 7.04
N GLN A 34 -2.31 4.91 7.39
CA GLN A 34 -1.92 6.25 7.00
C GLN A 34 -1.83 6.35 5.48
N LEU A 35 -1.31 5.33 4.80
CA LEU A 35 -1.18 5.33 3.35
C LEU A 35 -2.56 5.40 2.72
N GLU A 36 -3.49 4.60 3.25
CA GLU A 36 -4.86 4.50 2.79
C GLU A 36 -5.67 5.79 3.01
N ASN A 37 -5.28 6.66 3.95
CA ASN A 37 -5.77 8.03 4.04
C ASN A 37 -4.89 9.05 3.28
N GLY A 38 -3.72 8.64 2.78
CA GLY A 38 -2.80 9.48 2.01
C GLY A 38 -1.78 10.24 2.85
N LYS A 39 -1.60 9.89 4.13
CA LYS A 39 -0.67 10.56 5.04
C LYS A 39 0.77 10.23 4.71
N ALA A 40 1.06 9.09 4.07
CA ALA A 40 2.30 8.92 3.34
C ALA A 40 1.97 9.05 1.86
N LYS A 41 2.79 9.77 1.10
CA LYS A 41 2.76 9.79 -0.35
C LYS A 41 3.80 8.79 -0.82
N ARG A 42 5.10 9.06 -0.65
CA ARG A 42 6.16 8.13 -0.99
C ARG A 42 6.90 7.77 0.30
N PRO A 43 6.43 6.74 1.05
CA PRO A 43 7.07 6.33 2.29
C PRO A 43 8.41 5.65 2.04
N ARG A 44 9.20 5.43 3.11
CA ARG A 44 10.56 4.89 3.02
C ARG A 44 10.61 3.55 2.29
N PHE A 45 9.59 2.72 2.51
CA PHE A 45 9.50 1.34 2.09
C PHE A 45 8.77 1.19 0.76
N LEU A 46 8.37 2.28 0.08
CA LEU A 46 7.47 2.27 -1.08
C LEU A 46 7.77 1.17 -2.10
N PRO A 47 9.01 0.97 -2.60
CA PRO A 47 9.28 -0.13 -3.51
C PRO A 47 8.91 -1.50 -2.93
N GLU A 48 9.24 -1.76 -1.66
CA GLU A 48 8.96 -3.02 -1.00
C GLU A 48 7.46 -3.23 -0.82
N LEU A 49 6.71 -2.20 -0.41
CA LEU A 49 5.25 -2.32 -0.37
C LEU A 49 4.72 -2.62 -1.75
N ALA A 50 5.23 -1.95 -2.78
CA ALA A 50 4.73 -2.20 -4.12
C ALA A 50 4.99 -3.64 -4.56
N ARG A 51 6.22 -4.16 -4.47
CA ARG A 51 6.45 -5.57 -4.83
C ARG A 51 5.70 -6.52 -3.90
N ALA A 52 5.59 -6.22 -2.60
CA ALA A 52 4.85 -7.06 -1.68
C ALA A 52 3.37 -7.07 -2.06
N LEU A 53 2.78 -5.93 -2.37
CA LEU A 53 1.38 -5.82 -2.80
C LEU A 53 1.22 -6.61 -4.09
N GLY A 54 2.17 -6.42 -5.01
CA GLY A 54 2.29 -7.10 -6.28
C GLY A 54 1.96 -6.14 -7.40
N VAL A 55 2.50 -4.92 -7.38
CA VAL A 55 2.34 -3.90 -8.41
C VAL A 55 3.67 -3.12 -8.54
N ALA A 56 3.80 -2.26 -9.55
CA ALA A 56 4.94 -1.36 -9.70
C ALA A 56 4.82 -0.15 -8.77
N VAL A 57 5.94 0.48 -8.40
CA VAL A 57 5.93 1.81 -7.82
C VAL A 57 5.31 2.80 -8.81
N ASP A 58 5.51 2.63 -10.12
CA ASP A 58 4.86 3.45 -11.14
C ASP A 58 3.34 3.41 -11.06
N TRP A 59 2.77 2.24 -10.74
CA TRP A 59 1.34 2.06 -10.52
C TRP A 59 0.92 2.71 -9.22
N LEU A 60 1.73 2.59 -8.17
CA LEU A 60 1.53 3.28 -6.92
C LEU A 60 1.61 4.81 -7.03
N LEU A 61 2.56 5.34 -7.77
CA LEU A 61 2.62 6.77 -8.07
C LEU A 61 1.34 7.12 -8.82
N ASN A 62 1.16 6.52 -9.99
CA ASN A 62 0.20 6.94 -11.00
C ASN A 62 -1.04 6.05 -10.89
N GLY A 63 -0.94 4.79 -11.33
CA GLY A 63 -2.02 3.83 -11.18
C GLY A 63 -2.92 3.80 -12.40
N ALA A 64 -2.51 3.02 -13.40
CA ALA A 64 -3.34 2.47 -14.47
C ALA A 64 -4.46 3.42 -14.92
N MET A 1 -9.45 6.59 -8.65
CA MET A 1 -8.37 5.89 -8.00
C MET A 1 -7.18 6.80 -7.80
N LEU A 2 -6.73 6.79 -6.54
CA LEU A 2 -5.66 7.58 -5.95
C LEU A 2 -4.71 6.59 -5.27
N MET A 3 -3.66 7.04 -4.60
CA MET A 3 -2.78 6.13 -3.87
C MET A 3 -3.48 5.38 -2.75
N GLY A 4 -4.10 6.09 -1.82
CA GLY A 4 -4.76 5.47 -0.68
C GLY A 4 -5.85 4.52 -1.16
N GLU A 5 -6.61 4.95 -2.18
CA GLU A 5 -7.63 4.14 -2.83
C GLU A 5 -7.03 2.91 -3.52
N ARG A 6 -5.93 3.06 -4.25
CA ARG A 6 -5.22 1.95 -4.88
C ARG A 6 -4.86 0.94 -3.81
N ILE A 7 -4.23 1.40 -2.73
CA ILE A 7 -3.72 0.55 -1.67
C ILE A 7 -4.91 -0.17 -1.03
N ARG A 8 -5.97 0.54 -0.64
CA ARG A 8 -7.16 -0.10 -0.06
C ARG A 8 -7.74 -1.13 -1.02
N ALA A 9 -7.88 -0.77 -2.29
CA ALA A 9 -8.51 -1.63 -3.29
C ALA A 9 -7.66 -2.87 -3.52
N ARG A 10 -6.37 -2.71 -3.80
CA ARG A 10 -5.46 -3.82 -4.04
C ARG A 10 -5.45 -4.73 -2.81
N ARG A 11 -5.46 -4.19 -1.59
CA ARG A 11 -5.50 -5.01 -0.38
C ARG A 11 -6.78 -5.83 -0.32
N ILE A 12 -7.93 -5.22 -0.56
CA ILE A 12 -9.23 -5.88 -0.61
C ILE A 12 -9.25 -6.92 -1.73
N GLN A 13 -8.55 -6.67 -2.84
CA GLN A 13 -8.34 -7.60 -3.93
C GLN A 13 -7.53 -8.83 -3.47
N LEU A 14 -6.67 -8.69 -2.45
CA LEU A 14 -6.00 -9.81 -1.78
C LEU A 14 -6.89 -10.40 -0.67
N GLY A 15 -7.93 -9.67 -0.26
CA GLY A 15 -8.75 -9.89 0.91
C GLY A 15 -7.98 -9.76 2.22
N LEU A 16 -6.87 -9.03 2.25
CA LEU A 16 -6.00 -9.03 3.42
C LEU A 16 -6.43 -7.85 4.30
N ASN A 17 -6.03 -7.81 5.58
CA ASN A 17 -6.19 -6.61 6.42
C ASN A 17 -4.98 -5.71 6.25
N GLN A 18 -5.08 -4.45 6.71
CA GLN A 18 -3.94 -3.54 6.82
C GLN A 18 -2.81 -4.21 7.61
N ALA A 19 -3.13 -4.84 8.74
CA ALA A 19 -2.17 -5.52 9.60
C ALA A 19 -1.48 -6.66 8.88
N GLU A 20 -2.23 -7.44 8.10
CA GLU A 20 -1.68 -8.59 7.40
C GLU A 20 -0.74 -8.12 6.30
N LEU A 21 -1.20 -7.15 5.49
CA LEU A 21 -0.39 -6.60 4.42
C LEU A 21 0.89 -6.05 5.03
N ALA A 22 0.75 -5.23 6.06
CA ALA A 22 1.86 -4.63 6.79
C ALA A 22 2.88 -5.68 7.21
N GLN A 23 2.43 -6.74 7.89
CA GLN A 23 3.35 -7.75 8.42
C GLN A 23 4.06 -8.46 7.27
N LYS A 24 3.39 -8.74 6.14
CA LYS A 24 4.07 -9.31 4.99
C LYS A 24 5.06 -8.31 4.38
N VAL A 25 4.77 -7.01 4.33
CA VAL A 25 5.68 -6.05 3.72
C VAL A 25 6.88 -5.83 4.66
N GLY A 26 6.67 -5.89 5.98
CA GLY A 26 7.66 -5.61 7.00
C GLY A 26 7.50 -4.24 7.65
N VAL A 27 6.33 -3.62 7.52
CA VAL A 27 5.96 -2.36 8.11
C VAL A 27 4.99 -2.59 9.29
N ASP A 28 4.62 -1.53 10.02
CA ASP A 28 3.55 -1.56 11.01
C ASP A 28 2.22 -1.46 10.26
N GLN A 29 1.12 -1.95 10.85
CA GLN A 29 -0.23 -1.73 10.33
C GLN A 29 -0.47 -0.26 10.05
N GLN A 30 -0.01 0.59 10.97
CA GLN A 30 -0.11 2.03 10.92
C GLN A 30 0.43 2.58 9.60
N ALA A 31 1.57 2.08 9.10
CA ALA A 31 2.10 2.50 7.81
C ALA A 31 1.16 2.23 6.64
N ILE A 32 0.38 1.15 6.63
CA ILE A 32 -0.62 0.93 5.59
C ILE A 32 -1.81 1.85 5.85
N GLU A 33 -2.24 1.97 7.10
CA GLU A 33 -3.38 2.81 7.51
C GLU A 33 -3.16 4.24 7.06
N GLN A 34 -1.99 4.81 7.40
CA GLN A 34 -1.67 6.18 7.08
C GLN A 34 -1.62 6.34 5.55
N LEU A 35 -1.16 5.34 4.82
CA LEU A 35 -1.08 5.42 3.37
C LEU A 35 -2.48 5.50 2.78
N GLU A 36 -3.38 4.67 3.28
CA GLU A 36 -4.78 4.69 2.87
C GLU A 36 -5.47 5.99 3.28
N ASN A 37 -4.99 6.66 4.33
CA ASN A 37 -5.38 8.00 4.73
C ASN A 37 -4.88 9.07 3.76
N GLY A 38 -3.83 8.78 2.99
CA GLY A 38 -3.06 9.76 2.24
C GLY A 38 -2.01 10.48 3.10
N LYS A 39 -1.73 10.01 4.32
CA LYS A 39 -0.79 10.61 5.26
C LYS A 39 0.66 10.34 4.83
N ALA A 40 0.96 9.34 3.99
CA ALA A 40 2.24 9.25 3.30
C ALA A 40 1.95 9.44 1.82
N LYS A 41 2.52 10.47 1.18
CA LYS A 41 2.48 10.57 -0.28
C LYS A 41 3.45 9.53 -0.84
N ARG A 42 4.77 9.74 -0.73
CA ARG A 42 5.74 8.79 -1.27
C ARG A 42 6.26 8.06 -0.04
N PRO A 43 5.73 6.87 0.33
CA PRO A 43 6.14 6.20 1.55
C PRO A 43 7.60 5.76 1.46
N ARG A 44 8.34 5.78 2.56
CA ARG A 44 9.74 5.35 2.59
C ARG A 44 9.94 3.89 2.21
N PHE A 45 8.87 3.09 2.22
CA PHE A 45 8.86 1.67 1.91
C PHE A 45 8.14 1.41 0.58
N LEU A 46 7.97 2.42 -0.28
CA LEU A 46 7.23 2.35 -1.54
C LEU A 46 7.58 1.13 -2.41
N PRO A 47 8.85 0.82 -2.72
CA PRO A 47 9.15 -0.37 -3.51
C PRO A 47 8.87 -1.67 -2.75
N GLU A 48 9.03 -1.69 -1.43
CA GLU A 48 8.79 -2.87 -0.63
C GLU A 48 7.30 -3.16 -0.61
N LEU A 49 6.50 -2.10 -0.42
CA LEU A 49 5.06 -2.15 -0.48
C LEU A 49 4.70 -2.70 -1.83
N ALA A 50 5.15 -2.09 -2.92
CA ALA A 50 4.72 -2.52 -4.25
C ALA A 50 5.13 -3.97 -4.53
N ARG A 51 6.34 -4.40 -4.13
CA ARG A 51 6.80 -5.78 -4.32
C ARG A 51 5.95 -6.75 -3.50
N ALA A 52 5.57 -6.38 -2.28
CA ALA A 52 4.64 -7.13 -1.47
C ALA A 52 3.27 -7.17 -2.15
N LEU A 53 2.74 -6.01 -2.51
CA LEU A 53 1.42 -5.81 -3.12
C LEU A 53 1.31 -6.49 -4.47
N GLY A 54 2.44 -6.68 -5.15
CA GLY A 54 2.56 -7.31 -6.45
C GLY A 54 2.25 -6.31 -7.55
N VAL A 55 2.70 -5.06 -7.45
CA VAL A 55 2.48 -4.03 -8.46
C VAL A 55 3.78 -3.24 -8.66
N ALA A 56 3.81 -2.32 -9.63
CA ALA A 56 4.92 -1.39 -9.79
C ALA A 56 4.83 -0.25 -8.79
N VAL A 57 5.96 0.36 -8.45
CA VAL A 57 5.99 1.67 -7.79
C VAL A 57 5.30 2.71 -8.68
N ASP A 58 5.46 2.63 -10.00
CA ASP A 58 4.79 3.58 -10.90
C ASP A 58 3.27 3.41 -10.82
N TRP A 59 2.78 2.17 -10.69
CA TRP A 59 1.37 1.91 -10.49
C TRP A 59 0.95 2.51 -9.15
N LEU A 60 1.76 2.30 -8.10
CA LEU A 60 1.46 2.87 -6.81
C LEU A 60 1.36 4.38 -6.90
N LEU A 61 2.38 5.05 -7.41
CA LEU A 61 2.43 6.50 -7.53
C LEU A 61 1.26 7.01 -8.35
N ASN A 62 1.10 6.49 -9.57
CA ASN A 62 0.34 7.12 -10.64
C ASN A 62 -0.90 6.34 -11.07
N GLY A 63 -0.94 5.03 -10.85
CA GLY A 63 -2.15 4.23 -11.00
C GLY A 63 -2.75 4.27 -12.39
N ALA A 64 -2.09 3.59 -13.33
CA ALA A 64 -2.60 3.33 -14.67
C ALA A 64 -2.88 4.64 -15.39
N MET A 1 -10.02 8.31 -7.16
CA MET A 1 -9.09 7.47 -6.43
C MET A 1 -7.76 8.21 -6.23
N LEU A 2 -6.91 7.68 -5.34
CA LEU A 2 -5.53 8.08 -5.09
C LEU A 2 -4.75 6.81 -4.73
N MET A 3 -3.52 6.98 -4.26
CA MET A 3 -2.66 5.95 -3.69
C MET A 3 -3.36 5.21 -2.56
N GLY A 4 -3.87 5.93 -1.57
CA GLY A 4 -4.61 5.36 -0.46
C GLY A 4 -5.70 4.40 -0.94
N GLU A 5 -6.55 4.86 -1.85
CA GLU A 5 -7.59 4.02 -2.44
C GLU A 5 -7.01 2.85 -3.22
N ARG A 6 -5.93 3.05 -3.98
CA ARG A 6 -5.25 1.97 -4.70
C ARG A 6 -4.88 0.86 -3.74
N ILE A 7 -4.21 1.24 -2.66
CA ILE A 7 -3.74 0.36 -1.62
C ILE A 7 -4.94 -0.34 -0.98
N ARG A 8 -5.99 0.40 -0.62
CA ARG A 8 -7.16 -0.19 0.02
C ARG A 8 -7.85 -1.18 -0.91
N ALA A 9 -8.05 -0.81 -2.17
CA ALA A 9 -8.71 -1.62 -3.18
C ALA A 9 -7.89 -2.88 -3.43
N ARG A 10 -6.59 -2.75 -3.69
CA ARG A 10 -5.74 -3.90 -4.02
C ARG A 10 -5.59 -4.83 -2.81
N ARG A 11 -5.56 -4.30 -1.58
CA ARG A 11 -5.59 -5.11 -0.37
C ARG A 11 -6.84 -5.98 -0.35
N ILE A 12 -8.00 -5.35 -0.48
CA ILE A 12 -9.28 -6.04 -0.55
C ILE A 12 -9.32 -7.03 -1.73
N GLN A 13 -8.67 -6.72 -2.86
CA GLN A 13 -8.51 -7.59 -4.04
C GLN A 13 -7.67 -8.86 -3.78
N LEU A 14 -6.99 -8.88 -2.65
CA LEU A 14 -6.26 -10.01 -2.10
C LEU A 14 -6.93 -10.51 -0.80
N GLY A 15 -7.98 -9.84 -0.33
CA GLY A 15 -8.86 -10.24 0.75
C GLY A 15 -8.22 -10.13 2.13
N LEU A 16 -7.08 -9.44 2.26
CA LEU A 16 -6.29 -9.35 3.47
C LEU A 16 -6.48 -8.03 4.23
N ASN A 17 -6.05 -8.01 5.49
CA ASN A 17 -6.27 -6.87 6.39
C ASN A 17 -5.12 -5.88 6.29
N GLN A 18 -5.24 -4.68 6.87
CA GLN A 18 -4.13 -3.74 6.99
C GLN A 18 -2.92 -4.39 7.66
N ALA A 19 -3.12 -4.99 8.82
CA ALA A 19 -2.04 -5.49 9.65
C ALA A 19 -1.29 -6.63 8.94
N GLU A 20 -1.99 -7.46 8.17
CA GLU A 20 -1.39 -8.51 7.38
C GLU A 20 -0.55 -7.95 6.24
N LEU A 21 -1.12 -7.00 5.47
CA LEU A 21 -0.37 -6.30 4.43
C LEU A 21 0.87 -5.67 5.04
N ALA A 22 0.69 -4.99 6.17
CA ALA A 22 1.78 -4.36 6.89
C ALA A 22 2.88 -5.38 7.14
N GLN A 23 2.54 -6.52 7.76
CA GLN A 23 3.49 -7.54 8.15
C GLN A 23 4.30 -7.98 6.94
N LYS A 24 3.62 -8.34 5.85
CA LYS A 24 4.29 -8.95 4.71
C LYS A 24 5.06 -7.94 3.88
N VAL A 25 4.72 -6.65 3.92
CA VAL A 25 5.57 -5.60 3.36
C VAL A 25 6.77 -5.37 4.30
N GLY A 26 6.57 -5.52 5.61
CA GLY A 26 7.56 -5.36 6.67
C GLY A 26 7.27 -4.16 7.59
N VAL A 27 6.14 -3.49 7.43
CA VAL A 27 5.83 -2.20 8.04
C VAL A 27 4.86 -2.37 9.22
N ASP A 28 4.55 -1.27 9.92
CA ASP A 28 3.59 -1.25 11.01
C ASP A 28 2.18 -1.24 10.40
N GLN A 29 1.19 -1.74 11.16
CA GLN A 29 -0.22 -1.67 10.80
C GLN A 29 -0.63 -0.23 10.52
N GLN A 30 -0.15 0.71 11.34
CA GLN A 30 -0.36 2.14 11.15
C GLN A 30 0.07 2.58 9.75
N ALA A 31 1.21 2.09 9.23
CA ALA A 31 1.68 2.52 7.92
C ALA A 31 0.65 2.32 6.82
N ILE A 32 -0.16 1.26 6.90
CA ILE A 32 -1.20 1.03 5.90
C ILE A 32 -2.39 1.97 6.13
N GLU A 33 -2.80 2.20 7.38
CA GLU A 33 -3.89 3.11 7.75
C GLU A 33 -3.59 4.53 7.31
N GLN A 34 -2.37 4.99 7.58
CA GLN A 34 -1.97 6.31 7.20
C GLN A 34 -1.97 6.40 5.68
N LEU A 35 -1.53 5.36 4.97
CA LEU A 35 -1.38 5.39 3.54
C LEU A 35 -2.76 5.52 2.90
N GLU A 36 -3.76 4.82 3.46
CA GLU A 36 -5.16 4.94 3.05
C GLU A 36 -5.58 6.41 3.13
N ASN A 37 -5.32 7.05 4.28
CA ASN A 37 -5.71 8.44 4.50
C ASN A 37 -4.71 9.43 3.89
N GLY A 38 -3.80 8.99 3.02
CA GLY A 38 -2.89 9.83 2.26
C GLY A 38 -1.74 10.38 3.12
N LYS A 39 -1.61 9.94 4.37
CA LYS A 39 -0.66 10.47 5.33
C LYS A 39 0.77 10.05 5.04
N ALA A 40 1.05 9.14 4.10
CA ALA A 40 2.40 8.88 3.63
C ALA A 40 2.44 9.06 2.11
N LYS A 41 2.89 10.22 1.63
CA LYS A 41 2.93 10.49 0.20
C LYS A 41 3.95 9.60 -0.51
N ARG A 42 5.25 9.73 -0.20
CA ARG A 42 6.26 8.81 -0.72
C ARG A 42 6.83 8.10 0.49
N PRO A 43 6.26 6.95 0.91
CA PRO A 43 6.82 6.22 2.03
C PRO A 43 8.21 5.72 1.62
N ARG A 44 9.12 5.58 2.59
CA ARG A 44 10.45 5.06 2.32
C ARG A 44 10.39 3.68 1.68
N PHE A 45 9.42 2.87 2.11
CA PHE A 45 9.24 1.49 1.73
C PHE A 45 8.38 1.36 0.46
N LEU A 46 8.12 2.44 -0.30
CA LEU A 46 7.30 2.44 -1.51
C LEU A 46 7.58 1.28 -2.48
N PRO A 47 8.83 0.97 -2.91
CA PRO A 47 9.08 -0.16 -3.78
C PRO A 47 8.89 -1.51 -3.07
N GLU A 48 9.04 -1.58 -1.74
CA GLU A 48 8.75 -2.77 -0.98
C GLU A 48 7.24 -3.02 -1.00
N LEU A 49 6.46 -1.97 -0.71
CA LEU A 49 5.02 -2.00 -0.74
C LEU A 49 4.57 -2.41 -2.12
N ALA A 50 5.14 -1.82 -3.17
CA ALA A 50 4.75 -2.20 -4.52
C ALA A 50 5.05 -3.66 -4.81
N ARG A 51 6.29 -4.10 -4.60
CA ARG A 51 6.69 -5.47 -4.88
C ARG A 51 5.86 -6.46 -4.05
N ALA A 52 5.66 -6.17 -2.75
CA ALA A 52 4.88 -6.99 -1.85
C ALA A 52 3.40 -6.94 -2.22
N LEU A 53 2.83 -5.79 -2.64
CA LEU A 53 1.46 -5.73 -3.13
C LEU A 53 1.33 -6.48 -4.45
N GLY A 54 2.42 -6.65 -5.18
CA GLY A 54 2.42 -7.19 -6.53
C GLY A 54 1.80 -6.18 -7.47
N VAL A 55 2.33 -4.96 -7.51
CA VAL A 55 2.07 -3.96 -8.53
C VAL A 55 3.39 -3.21 -8.80
N ALA A 56 3.44 -2.37 -9.84
CA ALA A 56 4.60 -1.51 -10.07
C ALA A 56 4.63 -0.34 -9.08
N VAL A 57 5.79 0.26 -8.85
CA VAL A 57 5.92 1.56 -8.19
C VAL A 57 5.18 2.61 -9.01
N ASP A 58 5.20 2.57 -10.35
CA ASP A 58 4.44 3.53 -11.14
C ASP A 58 2.94 3.32 -10.98
N TRP A 59 2.51 2.08 -10.79
CA TRP A 59 1.12 1.81 -10.49
C TRP A 59 0.78 2.39 -9.14
N LEU A 60 1.62 2.16 -8.13
CA LEU A 60 1.44 2.72 -6.81
C LEU A 60 1.33 4.23 -6.89
N LEU A 61 2.36 4.89 -7.39
CA LEU A 61 2.42 6.35 -7.47
C LEU A 61 1.27 6.88 -8.32
N ASN A 62 1.19 6.42 -9.55
CA ASN A 62 0.47 7.11 -10.62
C ASN A 62 -0.74 6.35 -11.13
N GLY A 63 -0.81 5.01 -11.03
CA GLY A 63 -2.06 4.25 -11.17
C GLY A 63 -2.18 3.35 -12.37
N ALA A 64 -1.19 3.29 -13.24
CA ALA A 64 -1.08 2.28 -14.29
C ALA A 64 0.39 2.10 -14.65
N MET A 1 -10.30 7.71 -3.73
CA MET A 1 -9.50 7.58 -4.93
C MET A 1 -8.01 7.71 -4.54
N LEU A 2 -7.11 7.68 -5.52
CA LEU A 2 -5.70 8.04 -5.41
C LEU A 2 -4.90 6.86 -4.87
N MET A 3 -3.68 7.12 -4.39
CA MET A 3 -2.82 6.13 -3.77
C MET A 3 -3.56 5.44 -2.64
N GLY A 4 -4.13 6.22 -1.71
CA GLY A 4 -4.85 5.63 -0.59
C GLY A 4 -5.85 4.56 -1.02
N GLU A 5 -6.74 4.86 -1.97
CA GLU A 5 -7.66 3.83 -2.49
C GLU A 5 -6.90 2.75 -3.25
N ARG A 6 -5.81 3.06 -3.95
CA ARG A 6 -5.07 2.05 -4.70
C ARG A 6 -4.54 0.98 -3.75
N ILE A 7 -3.91 1.36 -2.63
CA ILE A 7 -3.52 0.39 -1.61
C ILE A 7 -4.78 -0.31 -1.11
N ARG A 8 -5.78 0.44 -0.66
CA ARG A 8 -6.92 -0.12 0.06
C ARG A 8 -7.68 -1.13 -0.81
N ALA A 9 -7.96 -0.78 -2.07
CA ALA A 9 -8.67 -1.64 -3.00
C ALA A 9 -7.84 -2.88 -3.30
N ARG A 10 -6.54 -2.74 -3.60
CA ARG A 10 -5.73 -3.91 -3.95
C ARG A 10 -5.60 -4.81 -2.72
N ARG A 11 -5.50 -4.27 -1.50
CA ARG A 11 -5.54 -5.08 -0.28
C ARG A 11 -6.80 -5.94 -0.23
N ILE A 12 -7.97 -5.33 -0.46
CA ILE A 12 -9.25 -6.00 -0.40
C ILE A 12 -9.40 -7.00 -1.54
N GLN A 13 -8.83 -6.74 -2.70
CA GLN A 13 -8.72 -7.72 -3.79
C GLN A 13 -7.97 -8.98 -3.34
N LEU A 14 -6.95 -8.80 -2.50
CA LEU A 14 -6.19 -9.86 -1.85
C LEU A 14 -6.89 -10.34 -0.57
N GLY A 15 -8.00 -9.70 -0.18
CA GLY A 15 -8.82 -9.99 0.98
C GLY A 15 -8.19 -9.59 2.31
N LEU A 16 -6.99 -9.01 2.29
CA LEU A 16 -6.16 -9.03 3.49
C LEU A 16 -6.62 -7.88 4.39
N ASN A 17 -6.24 -7.92 5.66
CA ASN A 17 -6.36 -6.77 6.54
C ASN A 17 -5.08 -5.95 6.55
N GLN A 18 -5.16 -4.79 7.18
CA GLN A 18 -4.12 -3.78 7.13
C GLN A 18 -2.87 -4.27 7.86
N ALA A 19 -3.02 -4.93 9.01
CA ALA A 19 -1.90 -5.52 9.72
C ALA A 19 -1.23 -6.59 8.86
N GLU A 20 -1.99 -7.46 8.20
CA GLU A 20 -1.43 -8.51 7.37
C GLU A 20 -0.65 -7.97 6.18
N LEU A 21 -1.18 -6.95 5.47
CA LEU A 21 -0.43 -6.29 4.42
C LEU A 21 0.84 -5.71 5.02
N ALA A 22 0.74 -5.09 6.20
CA ALA A 22 1.87 -4.47 6.82
C ALA A 22 3.00 -5.46 7.05
N GLN A 23 2.70 -6.55 7.74
CA GLN A 23 3.71 -7.46 8.27
C GLN A 23 4.46 -8.14 7.13
N LYS A 24 3.79 -8.51 6.03
CA LYS A 24 4.42 -9.12 4.86
C LYS A 24 5.17 -8.10 3.98
N VAL A 25 5.12 -6.81 4.31
CA VAL A 25 6.00 -5.78 3.75
C VAL A 25 7.13 -5.45 4.75
N GLY A 26 6.89 -5.56 6.05
CA GLY A 26 7.80 -5.18 7.12
C GLY A 26 7.34 -3.96 7.92
N VAL A 27 6.22 -3.35 7.56
CA VAL A 27 5.71 -2.13 8.16
C VAL A 27 4.72 -2.46 9.28
N ASP A 28 4.25 -1.47 10.05
CA ASP A 28 3.20 -1.63 11.04
C ASP A 28 1.85 -1.48 10.32
N GLN A 29 0.77 -1.95 10.94
CA GLN A 29 -0.60 -1.71 10.48
C GLN A 29 -0.81 -0.21 10.23
N GLN A 30 -0.26 0.63 11.12
CA GLN A 30 -0.40 2.07 11.02
C GLN A 30 0.18 2.60 9.71
N ALA A 31 1.36 2.12 9.26
CA ALA A 31 1.90 2.51 7.97
C ALA A 31 0.94 2.22 6.81
N ILE A 32 0.11 1.17 6.90
CA ILE A 32 -0.93 0.92 5.90
C ILE A 32 -2.08 1.91 6.11
N GLU A 33 -2.51 2.14 7.34
CA GLU A 33 -3.56 3.12 7.66
C GLU A 33 -3.20 4.50 7.09
N GLN A 34 -1.98 4.97 7.36
CA GLN A 34 -1.57 6.27 6.88
C GLN A 34 -1.58 6.29 5.35
N LEU A 35 -1.16 5.20 4.70
CA LEU A 35 -1.10 5.14 3.26
C LEU A 35 -2.49 5.26 2.69
N GLU A 36 -3.43 4.52 3.27
CA GLU A 36 -4.81 4.46 2.83
C GLU A 36 -5.54 5.79 3.01
N ASN A 37 -5.21 6.56 4.05
CA ASN A 37 -5.71 7.94 4.19
C ASN A 37 -4.89 8.94 3.37
N GLY A 38 -3.80 8.49 2.73
CA GLY A 38 -2.95 9.22 1.79
C GLY A 38 -1.81 9.96 2.46
N LYS A 39 -1.60 9.77 3.76
CA LYS A 39 -0.67 10.49 4.60
C LYS A 39 0.78 10.04 4.33
N ALA A 40 1.02 8.91 3.65
CA ALA A 40 2.31 8.70 3.00
C ALA A 40 2.12 8.84 1.49
N LYS A 41 2.26 10.07 0.96
CA LYS A 41 2.34 10.24 -0.49
C LYS A 41 3.49 9.45 -1.09
N ARG A 42 4.65 9.48 -0.47
CA ARG A 42 5.78 8.64 -0.84
C ARG A 42 6.28 8.00 0.45
N PRO A 43 5.83 6.78 0.78
CA PRO A 43 6.35 6.08 1.94
C PRO A 43 7.81 5.69 1.69
N ARG A 44 8.62 5.59 2.75
CA ARG A 44 10.01 5.17 2.63
C ARG A 44 10.14 3.84 1.86
N PHE A 45 9.28 2.89 2.23
CA PHE A 45 9.30 1.49 1.82
C PHE A 45 8.54 1.24 0.51
N LEU A 46 8.17 2.28 -0.25
CA LEU A 46 7.34 2.19 -1.48
C LEU A 46 7.68 0.99 -2.38
N PRO A 47 8.94 0.71 -2.76
CA PRO A 47 9.24 -0.41 -3.65
C PRO A 47 8.97 -1.77 -3.03
N GLU A 48 9.17 -1.93 -1.71
CA GLU A 48 8.86 -3.17 -1.01
C GLU A 48 7.35 -3.35 -0.97
N LEU A 49 6.58 -2.32 -0.61
CA LEU A 49 5.13 -2.47 -0.55
C LEU A 49 4.59 -2.76 -1.94
N ALA A 50 5.11 -2.09 -2.96
CA ALA A 50 4.67 -2.33 -4.32
C ALA A 50 4.90 -3.78 -4.72
N ARG A 51 6.14 -4.28 -4.61
CA ARG A 51 6.45 -5.64 -4.99
C ARG A 51 5.68 -6.63 -4.13
N ALA A 52 5.54 -6.42 -2.82
CA ALA A 52 4.77 -7.31 -1.97
C ALA A 52 3.27 -7.22 -2.27
N LEU A 53 2.75 -6.09 -2.76
CA LEU A 53 1.36 -5.96 -3.17
C LEU A 53 1.16 -6.54 -4.57
N GLY A 54 2.21 -6.62 -5.38
CA GLY A 54 2.20 -7.12 -6.76
C GLY A 54 1.81 -6.02 -7.73
N VAL A 55 2.29 -4.79 -7.51
CA VAL A 55 2.14 -3.66 -8.43
C VAL A 55 3.50 -2.94 -8.56
N ALA A 56 3.59 -1.94 -9.43
CA ALA A 56 4.78 -1.10 -9.56
C ALA A 56 4.73 0.04 -8.53
N VAL A 57 5.88 0.66 -8.22
CA VAL A 57 5.97 1.98 -7.60
C VAL A 57 5.33 2.99 -8.55
N ASP A 58 5.48 2.82 -9.86
CA ASP A 58 4.83 3.70 -10.84
C ASP A 58 3.32 3.55 -10.75
N TRP A 59 2.82 2.30 -10.64
CA TRP A 59 1.40 2.07 -10.37
C TRP A 59 1.00 2.70 -9.05
N LEU A 60 1.85 2.61 -8.03
CA LEU A 60 1.51 3.21 -6.77
C LEU A 60 1.41 4.72 -6.92
N LEU A 61 2.45 5.39 -7.40
CA LEU A 61 2.49 6.84 -7.55
C LEU A 61 1.37 7.34 -8.45
N ASN A 62 1.31 6.79 -9.67
CA ASN A 62 0.50 7.26 -10.78
C ASN A 62 -0.81 6.47 -10.89
N GLY A 63 -0.75 5.14 -10.93
CA GLY A 63 -1.94 4.29 -11.03
C GLY A 63 -2.30 3.98 -12.46
N ALA A 64 -1.38 3.33 -13.18
CA ALA A 64 -1.52 2.97 -14.58
C ALA A 64 -2.03 4.15 -15.41
N MET A 1 -11.15 6.82 -4.15
CA MET A 1 -10.13 6.92 -5.18
C MET A 1 -8.83 7.54 -4.61
N LEU A 2 -7.77 7.56 -5.42
CA LEU A 2 -6.38 8.01 -5.17
C LEU A 2 -5.55 6.86 -4.59
N MET A 3 -4.31 7.14 -4.17
CA MET A 3 -3.31 6.19 -3.69
C MET A 3 -3.88 5.34 -2.57
N GLY A 4 -4.41 5.99 -1.54
CA GLY A 4 -5.00 5.30 -0.40
C GLY A 4 -6.00 4.24 -0.86
N GLU A 5 -6.98 4.62 -1.67
CA GLU A 5 -7.96 3.69 -2.22
C GLU A 5 -7.33 2.67 -3.16
N ARG A 6 -6.30 3.04 -3.93
CA ARG A 6 -5.55 2.10 -4.77
C ARG A 6 -5.03 0.99 -3.87
N ILE A 7 -4.34 1.34 -2.79
CA ILE A 7 -3.79 0.42 -1.82
C ILE A 7 -4.93 -0.41 -1.24
N ARG A 8 -5.97 0.25 -0.70
CA ARG A 8 -7.05 -0.46 -0.02
C ARG A 8 -7.76 -1.42 -0.97
N ALA A 9 -8.10 -0.98 -2.17
CA ALA A 9 -8.82 -1.77 -3.16
C ALA A 9 -7.96 -2.91 -3.66
N ARG A 10 -6.66 -2.68 -3.88
CA ARG A 10 -5.76 -3.76 -4.26
C ARG A 10 -5.58 -4.75 -3.10
N ARG A 11 -5.60 -4.29 -1.84
CA ARG A 11 -5.77 -5.16 -0.68
C ARG A 11 -7.05 -5.99 -0.82
N ILE A 12 -8.20 -5.40 -1.19
CA ILE A 12 -9.45 -6.16 -1.42
C ILE A 12 -9.29 -7.15 -2.58
N GLN A 13 -8.51 -6.82 -3.61
CA GLN A 13 -8.16 -7.69 -4.73
C GLN A 13 -7.26 -8.87 -4.31
N LEU A 14 -6.82 -8.87 -3.05
CA LEU A 14 -6.16 -9.97 -2.34
C LEU A 14 -6.99 -10.42 -1.13
N GLY A 15 -8.11 -9.74 -0.85
CA GLY A 15 -9.00 -9.86 0.29
C GLY A 15 -8.32 -9.63 1.63
N LEU A 16 -7.13 -9.02 1.67
CA LEU A 16 -6.35 -8.94 2.90
C LEU A 16 -6.85 -7.73 3.71
N ASN A 17 -6.46 -7.65 4.97
CA ASN A 17 -6.57 -6.47 5.83
C ASN A 17 -5.24 -5.74 5.90
N GLN A 18 -5.27 -4.55 6.50
CA GLN A 18 -4.14 -3.65 6.64
C GLN A 18 -2.95 -4.31 7.33
N ALA A 19 -3.18 -5.00 8.45
CA ALA A 19 -2.09 -5.50 9.27
C ALA A 19 -1.31 -6.58 8.53
N GLU A 20 -1.98 -7.42 7.75
CA GLU A 20 -1.26 -8.40 6.94
C GLU A 20 -0.44 -7.75 5.84
N LEU A 21 -0.97 -6.71 5.19
CA LEU A 21 -0.21 -5.93 4.22
C LEU A 21 1.02 -5.35 4.91
N ALA A 22 0.89 -4.92 6.16
CA ALA A 22 1.99 -4.38 6.93
C ALA A 22 3.05 -5.43 7.23
N GLN A 23 2.63 -6.54 7.83
CA GLN A 23 3.49 -7.48 8.51
C GLN A 23 4.53 -7.99 7.52
N LYS A 24 4.07 -8.39 6.33
CA LYS A 24 4.94 -9.00 5.34
C LYS A 24 5.84 -8.00 4.63
N VAL A 25 5.54 -6.70 4.69
CA VAL A 25 6.40 -5.67 4.12
C VAL A 25 7.44 -5.24 5.17
N GLY A 26 7.17 -5.50 6.46
CA GLY A 26 8.06 -5.16 7.56
C GLY A 26 7.65 -3.88 8.26
N VAL A 27 6.46 -3.36 7.97
CA VAL A 27 5.97 -2.08 8.46
C VAL A 27 4.90 -2.31 9.54
N ASP A 28 4.38 -1.24 10.12
CA ASP A 28 3.29 -1.29 11.07
C ASP A 28 1.94 -1.27 10.36
N GLN A 29 0.92 -1.81 11.01
CA GLN A 29 -0.50 -1.56 10.76
C GLN A 29 -0.74 -0.05 10.57
N GLN A 30 -0.19 0.77 11.47
CA GLN A 30 -0.17 2.23 11.37
C GLN A 30 0.40 2.73 10.04
N ALA A 31 1.50 2.16 9.55
CA ALA A 31 2.05 2.52 8.26
C ALA A 31 1.02 2.37 7.14
N ILE A 32 0.24 1.28 7.14
CA ILE A 32 -0.78 1.10 6.12
C ILE A 32 -1.92 2.09 6.36
N GLU A 33 -2.29 2.35 7.61
CA GLU A 33 -3.32 3.32 7.98
C GLU A 33 -2.99 4.70 7.39
N GLN A 34 -1.76 5.19 7.63
CA GLN A 34 -1.36 6.50 7.12
C GLN A 34 -1.29 6.50 5.59
N LEU A 35 -0.85 5.40 4.97
CA LEU A 35 -0.80 5.30 3.52
C LEU A 35 -2.20 5.34 2.93
N GLU A 36 -3.14 4.65 3.58
CA GLU A 36 -4.54 4.63 3.17
C GLU A 36 -5.17 6.02 3.35
N ASN A 37 -4.77 6.78 4.37
CA ASN A 37 -5.12 8.18 4.53
C ASN A 37 -4.42 9.10 3.52
N GLY A 38 -3.50 8.60 2.69
CA GLY A 38 -2.65 9.42 1.84
C GLY A 38 -1.71 10.32 2.63
N LYS A 39 -1.50 10.06 3.92
CA LYS A 39 -0.71 10.87 4.80
C LYS A 39 0.76 10.65 4.44
N ALA A 40 1.20 9.41 4.20
CA ALA A 40 2.52 9.13 3.67
C ALA A 40 2.46 9.19 2.15
N LYS A 41 2.85 10.33 1.56
CA LYS A 41 2.70 10.62 0.14
C LYS A 41 3.61 9.70 -0.68
N ARG A 42 4.92 9.67 -0.43
CA ARG A 42 5.79 8.60 -0.85
C ARG A 42 6.45 8.02 0.39
N PRO A 43 6.09 6.80 0.82
CA PRO A 43 6.76 6.14 1.94
C PRO A 43 8.18 5.74 1.51
N ARG A 44 9.09 5.55 2.48
CA ARG A 44 10.43 5.05 2.18
C ARG A 44 10.33 3.65 1.56
N PHE A 45 9.39 2.84 2.06
CA PHE A 45 9.27 1.43 1.70
C PHE A 45 8.38 1.20 0.46
N LEU A 46 8.03 2.24 -0.31
CA LEU A 46 7.16 2.14 -1.49
C LEU A 46 7.50 0.95 -2.41
N PRO A 47 8.76 0.66 -2.79
CA PRO A 47 9.04 -0.49 -3.64
C PRO A 47 8.78 -1.83 -2.97
N GLU A 48 9.02 -1.96 -1.67
CA GLU A 48 8.77 -3.19 -0.94
C GLU A 48 7.27 -3.42 -0.85
N LEU A 49 6.50 -2.36 -0.54
CA LEU A 49 5.06 -2.42 -0.51
C LEU A 49 4.60 -2.84 -1.90
N ALA A 50 5.03 -2.14 -2.94
CA ALA A 50 4.53 -2.39 -4.28
C ALA A 50 4.85 -3.80 -4.74
N ARG A 51 6.07 -4.27 -4.51
CA ARG A 51 6.49 -5.64 -4.76
C ARG A 51 5.57 -6.61 -4.04
N ALA A 52 5.41 -6.47 -2.72
CA ALA A 52 4.64 -7.41 -1.93
C ALA A 52 3.13 -7.28 -2.17
N LEU A 53 2.62 -6.13 -2.62
CA LEU A 53 1.26 -5.98 -3.13
C LEU A 53 1.10 -6.54 -4.54
N GLY A 54 2.19 -6.64 -5.31
CA GLY A 54 2.26 -7.23 -6.63
C GLY A 54 2.03 -6.23 -7.77
N VAL A 55 2.40 -4.96 -7.58
CA VAL A 55 2.22 -3.87 -8.54
C VAL A 55 3.53 -3.08 -8.67
N ALA A 56 3.59 -2.13 -9.61
CA ALA A 56 4.71 -1.20 -9.68
C ALA A 56 4.53 -0.11 -8.60
N VAL A 57 5.63 0.48 -8.14
CA VAL A 57 5.62 1.79 -7.48
C VAL A 57 4.95 2.80 -8.41
N ASP A 58 5.12 2.65 -9.73
CA ASP A 58 4.46 3.51 -10.70
C ASP A 58 2.94 3.35 -10.63
N TRP A 59 2.46 2.11 -10.47
CA TRP A 59 1.04 1.88 -10.25
C TRP A 59 0.63 2.52 -8.94
N LEU A 60 1.43 2.38 -7.89
CA LEU A 60 1.11 2.99 -6.62
C LEU A 60 1.03 4.51 -6.74
N LEU A 61 2.04 5.15 -7.30
CA LEU A 61 2.14 6.59 -7.45
C LEU A 61 1.03 7.11 -8.36
N ASN A 62 0.82 6.47 -9.50
CA ASN A 62 0.12 7.06 -10.64
C ASN A 62 -1.13 6.28 -11.09
N GLY A 63 -1.29 5.01 -10.72
CA GLY A 63 -2.42 4.21 -11.19
C GLY A 63 -2.17 3.83 -12.65
N ALA A 64 -1.20 2.95 -12.86
CA ALA A 64 -0.92 2.28 -14.11
C ALA A 64 -2.04 1.31 -14.48
N MET A 1 -9.36 6.01 -9.06
CA MET A 1 -8.43 5.67 -8.01
C MET A 1 -7.69 6.90 -7.49
N LEU A 2 -7.40 6.85 -6.20
CA LEU A 2 -6.40 7.66 -5.51
C LEU A 2 -5.35 6.68 -4.98
N MET A 3 -4.30 7.14 -4.30
CA MET A 3 -3.39 6.25 -3.61
C MET A 3 -4.09 5.44 -2.54
N GLY A 4 -4.78 6.12 -1.62
CA GLY A 4 -5.52 5.49 -0.55
C GLY A 4 -6.43 4.40 -1.12
N GLU A 5 -7.32 4.78 -2.03
CA GLU A 5 -8.29 3.88 -2.62
C GLU A 5 -7.60 2.77 -3.41
N ARG A 6 -6.46 3.04 -4.07
CA ARG A 6 -5.68 2.03 -4.78
C ARG A 6 -5.25 0.96 -3.77
N ILE A 7 -4.64 1.41 -2.69
CA ILE A 7 -4.08 0.57 -1.64
C ILE A 7 -5.22 -0.21 -1.00
N ARG A 8 -6.33 0.45 -0.66
CA ARG A 8 -7.48 -0.19 -0.06
C ARG A 8 -8.06 -1.24 -1.00
N ALA A 9 -8.22 -0.91 -2.28
CA ALA A 9 -8.74 -1.80 -3.30
C ALA A 9 -7.84 -3.02 -3.43
N ARG A 10 -6.56 -2.83 -3.74
CA ARG A 10 -5.65 -3.93 -4.01
C ARG A 10 -5.48 -4.82 -2.77
N ARG A 11 -5.51 -4.26 -1.56
CA ARG A 11 -5.53 -5.00 -0.30
C ARG A 11 -6.72 -5.94 -0.28
N ILE A 12 -7.92 -5.39 -0.44
CA ILE A 12 -9.15 -6.17 -0.42
C ILE A 12 -9.22 -7.19 -1.57
N GLN A 13 -8.67 -6.85 -2.74
CA GLN A 13 -8.50 -7.76 -3.86
C GLN A 13 -7.59 -8.95 -3.54
N LEU A 14 -6.66 -8.76 -2.60
CA LEU A 14 -5.80 -9.79 -2.02
C LEU A 14 -6.41 -10.37 -0.73
N GLY A 15 -7.53 -9.82 -0.28
CA GLY A 15 -8.40 -10.31 0.77
C GLY A 15 -7.70 -10.37 2.12
N LEU A 16 -6.81 -9.44 2.40
CA LEU A 16 -6.03 -9.36 3.61
C LEU A 16 -6.21 -8.04 4.37
N ASN A 17 -5.79 -8.04 5.64
CA ASN A 17 -6.01 -6.92 6.57
C ASN A 17 -4.93 -5.87 6.36
N GLN A 18 -5.11 -4.67 6.94
CA GLN A 18 -4.04 -3.69 7.01
C GLN A 18 -2.83 -4.28 7.71
N ALA A 19 -3.01 -4.91 8.88
CA ALA A 19 -1.90 -5.41 9.67
C ALA A 19 -1.13 -6.50 8.94
N GLU A 20 -1.80 -7.30 8.09
CA GLU A 20 -1.15 -8.31 7.28
C GLU A 20 -0.43 -7.72 6.08
N LEU A 21 -1.06 -6.80 5.34
CA LEU A 21 -0.38 -6.06 4.27
C LEU A 21 0.85 -5.37 4.85
N ALA A 22 0.72 -4.84 6.06
CA ALA A 22 1.83 -4.29 6.80
C ALA A 22 2.88 -5.37 7.02
N GLN A 23 2.53 -6.47 7.69
CA GLN A 23 3.47 -7.44 8.21
C GLN A 23 4.22 -8.18 7.11
N LYS A 24 3.60 -8.46 5.97
CA LYS A 24 4.30 -9.09 4.86
C LYS A 24 5.24 -8.10 4.16
N VAL A 25 5.04 -6.80 4.32
CA VAL A 25 6.00 -5.77 3.89
C VAL A 25 6.95 -5.41 5.04
N GLY A 26 6.65 -5.85 6.26
CA GLY A 26 7.40 -5.67 7.50
C GLY A 26 6.95 -4.46 8.32
N VAL A 27 6.09 -3.61 7.76
CA VAL A 27 5.81 -2.28 8.28
C VAL A 27 4.75 -2.35 9.39
N ASP A 28 4.42 -1.22 10.01
CA ASP A 28 3.40 -1.12 11.03
C ASP A 28 2.04 -1.14 10.34
N GLN A 29 0.99 -1.58 11.04
CA GLN A 29 -0.40 -1.43 10.58
C GLN A 29 -0.68 0.03 10.21
N GLN A 30 -0.27 0.93 11.10
CA GLN A 30 -0.35 2.37 10.92
C GLN A 30 0.19 2.80 9.55
N ALA A 31 1.31 2.25 9.11
CA ALA A 31 1.85 2.57 7.78
C ALA A 31 0.83 2.36 6.67
N ILE A 32 0.01 1.31 6.73
CA ILE A 32 -1.03 1.07 5.72
C ILE A 32 -2.20 2.04 5.97
N GLU A 33 -2.54 2.28 7.23
CA GLU A 33 -3.65 3.13 7.68
C GLU A 33 -3.45 4.58 7.25
N GLN A 34 -2.24 5.08 7.45
CA GLN A 34 -1.91 6.42 7.07
C GLN A 34 -1.84 6.51 5.55
N LEU A 35 -1.42 5.45 4.86
CA LEU A 35 -1.35 5.44 3.42
C LEU A 35 -2.78 5.49 2.84
N GLU A 36 -3.73 4.81 3.49
CA GLU A 36 -5.16 4.88 3.15
C GLU A 36 -5.62 6.34 3.23
N ASN A 37 -5.35 7.02 4.35
CA ASN A 37 -5.84 8.38 4.50
C ASN A 37 -5.02 9.39 3.72
N GLY A 38 -3.94 8.98 3.04
CA GLY A 38 -3.09 9.84 2.25
C GLY A 38 -2.07 10.60 3.10
N LYS A 39 -1.77 10.14 4.32
CA LYS A 39 -0.78 10.77 5.19
C LYS A 39 0.63 10.49 4.67
N ALA A 40 0.97 9.25 4.27
CA ALA A 40 2.26 8.98 3.65
C ALA A 40 2.11 9.16 2.14
N LYS A 41 3.21 9.52 1.47
CA LYS A 41 3.28 9.78 0.05
C LYS A 41 4.32 8.89 -0.61
N ARG A 42 5.60 9.12 -0.36
CA ARG A 42 6.65 8.27 -0.91
C ARG A 42 7.52 7.84 0.27
N PRO A 43 7.01 6.92 1.10
CA PRO A 43 7.72 6.42 2.25
C PRO A 43 8.83 5.46 1.80
N ARG A 44 9.81 5.23 2.69
CA ARG A 44 10.96 4.36 2.43
C ARG A 44 10.62 2.96 1.95
N PHE A 45 9.42 2.46 2.28
CA PHE A 45 9.02 1.10 1.97
C PHE A 45 8.09 1.03 0.74
N LEU A 46 7.78 2.14 0.06
CA LEU A 46 6.94 2.16 -1.13
C LEU A 46 7.34 1.10 -2.17
N PRO A 47 8.62 0.94 -2.56
CA PRO A 47 8.98 -0.11 -3.51
C PRO A 47 8.77 -1.52 -2.98
N GLU A 48 8.90 -1.73 -1.67
CA GLU A 48 8.74 -3.03 -1.05
C GLU A 48 7.25 -3.36 -0.92
N LEU A 49 6.41 -2.37 -0.59
CA LEU A 49 4.97 -2.55 -0.58
C LEU A 49 4.51 -2.88 -1.99
N ALA A 50 4.95 -2.12 -2.99
CA ALA A 50 4.56 -2.38 -4.37
C ALA A 50 4.97 -3.81 -4.78
N ARG A 51 6.23 -4.19 -4.53
CA ARG A 51 6.74 -5.52 -4.83
C ARG A 51 5.87 -6.57 -4.15
N ALA A 52 5.64 -6.46 -2.85
CA ALA A 52 4.85 -7.44 -2.12
C ALA A 52 3.39 -7.42 -2.56
N LEU A 53 2.86 -6.28 -3.03
CA LEU A 53 1.50 -6.18 -3.53
C LEU A 53 1.37 -6.79 -4.92
N GLY A 54 2.47 -6.87 -5.69
CA GLY A 54 2.45 -7.31 -7.07
C GLY A 54 2.05 -6.19 -8.00
N VAL A 55 2.51 -4.97 -7.73
CA VAL A 55 2.38 -3.80 -8.61
C VAL A 55 3.75 -3.10 -8.63
N ALA A 56 3.91 -2.05 -9.43
CA ALA A 56 5.11 -1.23 -9.45
C ALA A 56 4.90 0.04 -8.63
N VAL A 57 6.00 0.70 -8.25
CA VAL A 57 6.00 2.07 -7.76
C VAL A 57 5.35 2.98 -8.79
N ASP A 58 5.52 2.75 -10.09
CA ASP A 58 4.76 3.46 -11.11
C ASP A 58 3.26 3.41 -10.95
N TRP A 59 2.71 2.24 -10.66
CA TRP A 59 1.29 2.09 -10.42
C TRP A 59 0.91 2.79 -9.13
N LEU A 60 1.76 2.72 -8.12
CA LEU A 60 1.54 3.39 -6.84
C LEU A 60 1.62 4.91 -6.93
N LEU A 61 2.59 5.46 -7.64
CA LEU A 61 2.65 6.90 -7.89
C LEU A 61 1.42 7.28 -8.71
N ASN A 62 1.27 6.65 -9.87
CA ASN A 62 0.34 7.06 -10.91
C ASN A 62 -0.88 6.15 -10.88
N GLY A 63 -0.77 4.89 -11.33
CA GLY A 63 -1.87 3.94 -11.39
C GLY A 63 -2.43 3.76 -12.79
N ALA A 64 -1.63 3.15 -13.68
CA ALA A 64 -2.01 2.69 -15.01
C ALA A 64 -2.87 3.72 -15.76
N MET A 1 -8.30 7.44 -9.81
CA MET A 1 -8.39 7.24 -8.37
C MET A 1 -7.11 7.75 -7.71
N LEU A 2 -7.14 7.96 -6.39
CA LEU A 2 -6.03 8.49 -5.62
C LEU A 2 -5.14 7.35 -5.17
N MET A 3 -3.98 7.67 -4.58
CA MET A 3 -3.05 6.66 -4.07
C MET A 3 -3.70 5.86 -2.94
N GLY A 4 -4.23 6.50 -1.91
CA GLY A 4 -4.86 5.85 -0.78
C GLY A 4 -5.89 4.80 -1.21
N GLU A 5 -6.90 5.23 -1.98
CA GLU A 5 -7.95 4.36 -2.52
C GLU A 5 -7.36 3.24 -3.38
N ARG A 6 -6.36 3.54 -4.21
CA ARG A 6 -5.71 2.57 -5.06
C ARG A 6 -5.01 1.50 -4.23
N ILE A 7 -4.26 1.91 -3.22
CA ILE A 7 -3.57 1.03 -2.28
C ILE A 7 -4.61 0.16 -1.57
N ARG A 8 -5.69 0.75 -1.04
CA ARG A 8 -6.72 0.03 -0.31
C ARG A 8 -7.36 -1.01 -1.21
N ALA A 9 -7.72 -0.63 -2.43
CA ALA A 9 -8.42 -1.49 -3.37
C ALA A 9 -7.54 -2.66 -3.76
N ARG A 10 -6.26 -2.45 -4.07
CA ARG A 10 -5.37 -3.56 -4.44
C ARG A 10 -5.08 -4.47 -3.25
N ARG A 11 -4.97 -3.96 -2.02
CA ARG A 11 -4.90 -4.81 -0.83
C ARG A 11 -6.09 -5.74 -0.76
N ILE A 12 -7.29 -5.18 -0.84
CA ILE A 12 -8.54 -5.93 -0.88
C ILE A 12 -8.56 -6.90 -2.08
N GLN A 13 -7.98 -6.54 -3.22
CA GLN A 13 -7.85 -7.44 -4.36
C GLN A 13 -6.94 -8.63 -4.06
N LEU A 14 -5.98 -8.50 -3.14
CA LEU A 14 -5.21 -9.62 -2.59
C LEU A 14 -5.98 -10.32 -1.47
N GLY A 15 -6.98 -9.65 -0.91
CA GLY A 15 -7.99 -10.21 -0.01
C GLY A 15 -7.49 -10.43 1.41
N LEU A 16 -6.56 -9.60 1.87
CA LEU A 16 -5.95 -9.57 3.17
C LEU A 16 -6.08 -8.20 3.82
N ASN A 17 -5.84 -8.15 5.13
CA ASN A 17 -6.04 -6.94 5.94
C ASN A 17 -4.82 -6.03 5.83
N GLN A 18 -4.94 -4.81 6.37
CA GLN A 18 -3.81 -3.94 6.61
C GLN A 18 -2.72 -4.64 7.38
N ALA A 19 -3.02 -5.20 8.56
CA ALA A 19 -2.00 -5.69 9.48
C ALA A 19 -1.25 -6.85 8.84
N GLU A 20 -1.95 -7.73 8.13
CA GLU A 20 -1.34 -8.82 7.41
C GLU A 20 -0.40 -8.33 6.31
N LEU A 21 -0.86 -7.37 5.49
CA LEU A 21 0.00 -6.76 4.49
C LEU A 21 1.23 -6.19 5.20
N ALA A 22 0.99 -5.34 6.19
CA ALA A 22 1.99 -4.65 6.99
C ALA A 22 3.05 -5.60 7.51
N GLN A 23 2.63 -6.68 8.18
CA GLN A 23 3.49 -7.66 8.80
C GLN A 23 4.43 -8.24 7.76
N LYS A 24 3.86 -8.69 6.62
CA LYS A 24 4.63 -9.29 5.56
C LYS A 24 5.61 -8.29 4.97
N VAL A 25 5.27 -6.99 4.84
CA VAL A 25 6.18 -6.03 4.27
C VAL A 25 7.27 -5.71 5.31
N GLY A 26 6.90 -5.60 6.59
CA GLY A 26 7.78 -5.20 7.68
C GLY A 26 7.55 -3.77 8.13
N VAL A 27 6.35 -3.25 7.92
CA VAL A 27 5.85 -2.01 8.43
C VAL A 27 4.82 -2.27 9.55
N ASP A 28 4.36 -1.23 10.25
CA ASP A 28 3.24 -1.30 11.19
C ASP A 28 1.92 -1.29 10.40
N GLN A 29 0.82 -1.75 11.01
CA GLN A 29 -0.51 -1.54 10.44
C GLN A 29 -0.71 -0.04 10.24
N GLN A 30 -0.26 0.76 11.20
CA GLN A 30 -0.32 2.21 11.18
C GLN A 30 0.27 2.73 9.85
N ALA A 31 1.40 2.20 9.40
CA ALA A 31 2.01 2.58 8.13
C ALA A 31 1.15 2.28 6.89
N ILE A 32 0.29 1.27 6.94
CA ILE A 32 -0.72 1.05 5.91
C ILE A 32 -1.87 2.04 6.09
N GLU A 33 -2.35 2.21 7.32
CA GLU A 33 -3.50 3.05 7.67
C GLU A 33 -3.23 4.49 7.23
N GLN A 34 -2.06 5.00 7.57
CA GLN A 34 -1.62 6.33 7.21
C GLN A 34 -1.52 6.44 5.69
N LEU A 35 -1.12 5.38 4.99
CA LEU A 35 -1.00 5.41 3.54
C LEU A 35 -2.37 5.43 2.87
N GLU A 36 -3.37 4.75 3.44
CA GLU A 36 -4.74 4.86 2.98
C GLU A 36 -5.22 6.29 3.17
N ASN A 37 -4.97 6.91 4.33
CA ASN A 37 -5.54 8.20 4.65
C ASN A 37 -4.75 9.36 4.05
N GLY A 38 -3.65 9.08 3.35
CA GLY A 38 -2.81 10.04 2.66
C GLY A 38 -1.82 10.74 3.58
N LYS A 39 -1.59 10.20 4.79
CA LYS A 39 -0.63 10.76 5.73
C LYS A 39 0.77 10.47 5.24
N ALA A 40 1.13 9.24 4.84
CA ALA A 40 2.31 9.05 4.00
C ALA A 40 1.86 9.17 2.56
N LYS A 41 2.80 9.40 1.65
CA LYS A 41 2.56 9.43 0.21
C LYS A 41 3.61 8.55 -0.43
N ARG A 42 4.89 8.92 -0.31
CA ARG A 42 6.01 8.21 -0.81
C ARG A 42 6.97 7.90 0.35
N PRO A 43 6.62 6.98 1.25
CA PRO A 43 7.48 6.61 2.36
C PRO A 43 8.62 5.74 1.85
N ARG A 44 9.63 5.47 2.69
CA ARG A 44 10.80 4.68 2.28
C ARG A 44 10.40 3.38 1.61
N PHE A 45 9.41 2.70 2.19
CA PHE A 45 9.05 1.34 1.89
C PHE A 45 8.08 1.24 0.70
N LEU A 46 7.78 2.32 -0.04
CA LEU A 46 6.87 2.31 -1.16
C LEU A 46 7.14 1.16 -2.16
N PRO A 47 8.37 0.88 -2.62
CA PRO A 47 8.62 -0.26 -3.48
C PRO A 47 8.37 -1.61 -2.80
N GLU A 48 8.61 -1.71 -1.50
CA GLU A 48 8.41 -2.93 -0.73
C GLU A 48 6.93 -3.19 -0.58
N LEU A 49 6.15 -2.15 -0.25
CA LEU A 49 4.70 -2.22 -0.17
C LEU A 49 4.17 -2.64 -1.51
N ALA A 50 4.55 -1.99 -2.60
CA ALA A 50 4.06 -2.35 -3.93
C ALA A 50 4.49 -3.78 -4.32
N ARG A 51 5.71 -4.21 -3.99
CA ARG A 51 6.12 -5.60 -4.17
C ARG A 51 5.14 -6.53 -3.44
N ALA A 52 4.96 -6.31 -2.14
CA ALA A 52 4.07 -7.06 -1.28
C ALA A 52 2.63 -7.04 -1.81
N LEU A 53 2.14 -5.88 -2.23
CA LEU A 53 0.84 -5.64 -2.82
C LEU A 53 0.70 -6.39 -4.14
N GLY A 54 1.78 -6.57 -4.89
CA GLY A 54 1.81 -7.25 -6.18
C GLY A 54 1.53 -6.30 -7.34
N VAL A 55 2.02 -5.06 -7.28
CA VAL A 55 2.00 -4.08 -8.38
C VAL A 55 3.33 -3.31 -8.41
N ALA A 56 3.53 -2.44 -9.40
CA ALA A 56 4.68 -1.54 -9.48
C ALA A 56 4.50 -0.31 -8.58
N VAL A 57 5.59 0.39 -8.23
CA VAL A 57 5.54 1.76 -7.73
C VAL A 57 4.97 2.65 -8.84
N ASP A 58 5.30 2.36 -10.10
CA ASP A 58 4.64 2.96 -11.24
C ASP A 58 3.13 2.87 -11.23
N TRP A 59 2.56 1.69 -10.93
CA TRP A 59 1.13 1.58 -10.80
C TRP A 59 0.65 2.32 -9.58
N LEU A 60 1.37 2.24 -8.47
CA LEU A 60 1.03 2.99 -7.27
C LEU A 60 0.95 4.49 -7.56
N LEU A 61 1.88 5.06 -8.30
CA LEU A 61 1.87 6.47 -8.63
C LEU A 61 0.80 6.78 -9.67
N ASN A 62 0.88 6.15 -10.84
CA ASN A 62 0.09 6.51 -12.00
C ASN A 62 -1.29 5.87 -11.98
N GLY A 63 -1.43 4.67 -11.40
CA GLY A 63 -2.68 3.93 -11.38
C GLY A 63 -3.17 3.63 -12.78
N ALA A 64 -2.25 3.22 -13.66
CA ALA A 64 -2.44 3.09 -15.10
C ALA A 64 -3.17 4.31 -15.68
N MET A 1 -9.03 9.75 -7.80
CA MET A 1 -8.79 8.84 -6.71
C MET A 1 -7.34 9.01 -6.25
N LEU A 2 -7.11 8.63 -5.00
CA LEU A 2 -5.78 8.68 -4.40
C LEU A 2 -5.19 7.28 -4.27
N MET A 3 -3.91 7.28 -3.94
CA MET A 3 -3.16 6.09 -3.54
C MET A 3 -3.87 5.44 -2.36
N GLY A 4 -4.17 6.17 -1.29
CA GLY A 4 -4.88 5.63 -0.15
C GLY A 4 -6.06 4.72 -0.51
N GLU A 5 -6.96 5.20 -1.37
CA GLU A 5 -8.07 4.41 -1.90
C GLU A 5 -7.55 3.22 -2.68
N ARG A 6 -6.59 3.44 -3.59
CA ARG A 6 -5.97 2.42 -4.44
C ARG A 6 -5.37 1.29 -3.61
N ILE A 7 -4.72 1.63 -2.51
CA ILE A 7 -4.08 0.74 -1.56
C ILE A 7 -5.18 -0.09 -0.92
N ARG A 8 -6.26 0.55 -0.42
CA ARG A 8 -7.36 -0.23 0.14
C ARG A 8 -7.91 -1.18 -0.94
N ALA A 9 -8.12 -0.69 -2.15
CA ALA A 9 -8.73 -1.44 -3.23
C ALA A 9 -7.92 -2.69 -3.51
N ARG A 10 -6.64 -2.53 -3.84
CA ARG A 10 -5.80 -3.64 -4.23
C ARG A 10 -5.50 -4.57 -3.04
N ARG A 11 -5.37 -4.05 -1.81
CA ARG A 11 -5.31 -4.88 -0.60
C ARG A 11 -6.50 -5.82 -0.52
N ILE A 12 -7.70 -5.24 -0.53
CA ILE A 12 -8.94 -5.98 -0.42
C ILE A 12 -9.12 -6.91 -1.63
N GLN A 13 -8.67 -6.50 -2.82
CA GLN A 13 -8.65 -7.37 -4.00
C GLN A 13 -7.80 -8.62 -3.82
N LEU A 14 -6.67 -8.50 -3.11
CA LEU A 14 -5.84 -9.62 -2.64
C LEU A 14 -6.49 -10.32 -1.43
N GLY A 15 -7.44 -9.66 -0.76
CA GLY A 15 -8.15 -10.11 0.42
C GLY A 15 -7.27 -10.04 1.67
N LEU A 16 -6.20 -9.24 1.66
CA LEU A 16 -5.31 -9.13 2.81
C LEU A 16 -5.92 -8.12 3.77
N ASN A 17 -5.46 -8.10 5.02
CA ASN A 17 -5.80 -7.05 5.99
C ASN A 17 -4.69 -6.00 5.99
N GLN A 18 -4.94 -4.85 6.59
CA GLN A 18 -3.94 -3.80 6.75
C GLN A 18 -2.68 -4.35 7.41
N ALA A 19 -2.82 -4.97 8.59
CA ALA A 19 -1.69 -5.40 9.38
C ALA A 19 -0.90 -6.48 8.66
N GLU A 20 -1.55 -7.29 7.83
CA GLU A 20 -0.91 -8.34 7.06
C GLU A 20 -0.08 -7.74 5.92
N LEU A 21 -0.69 -6.83 5.14
CA LEU A 21 0.01 -6.07 4.12
C LEU A 21 1.20 -5.36 4.75
N ALA A 22 1.03 -4.89 5.98
CA ALA A 22 2.06 -4.25 6.75
C ALA A 22 3.19 -5.22 7.09
N GLN A 23 2.87 -6.31 7.79
CA GLN A 23 3.82 -7.17 8.47
C GLN A 23 4.85 -7.66 7.47
N LYS A 24 4.36 -8.18 6.33
CA LYS A 24 5.22 -8.83 5.37
C LYS A 24 6.03 -7.83 4.55
N VAL A 25 5.64 -6.54 4.52
CA VAL A 25 6.48 -5.50 3.94
C VAL A 25 7.52 -5.08 4.97
N GLY A 26 7.18 -5.14 6.26
CA GLY A 26 8.02 -4.79 7.40
C GLY A 26 7.42 -3.68 8.25
N VAL A 27 6.23 -3.18 7.92
CA VAL A 27 5.71 -1.92 8.42
C VAL A 27 4.61 -2.17 9.46
N ASP A 28 4.13 -1.11 10.11
CA ASP A 28 3.06 -1.16 11.09
C ASP A 28 1.72 -1.12 10.36
N GLN A 29 0.65 -1.65 10.98
CA GLN A 29 -0.71 -1.51 10.46
C GLN A 29 -1.01 -0.04 10.18
N GLN A 30 -0.67 0.83 11.13
CA GLN A 30 -0.82 2.27 10.98
C GLN A 30 -0.21 2.76 9.68
N ALA A 31 0.98 2.30 9.28
CA ALA A 31 1.57 2.71 8.00
C ALA A 31 0.62 2.49 6.82
N ILE A 32 -0.14 1.40 6.80
CA ILE A 32 -1.11 1.12 5.75
C ILE A 32 -2.35 2.01 5.92
N GLU A 33 -2.81 2.23 7.15
CA GLU A 33 -4.03 2.97 7.44
C GLU A 33 -3.84 4.48 7.27
N GLN A 34 -2.67 4.99 7.62
CA GLN A 34 -2.34 6.36 7.33
C GLN A 34 -2.24 6.53 5.81
N LEU A 35 -1.70 5.52 5.10
CA LEU A 35 -1.60 5.59 3.67
C LEU A 35 -3.00 5.64 3.08
N GLU A 36 -3.95 4.86 3.64
CA GLU A 36 -5.36 4.90 3.24
C GLU A 36 -5.90 6.32 3.32
N ASN A 37 -5.63 7.06 4.40
CA ASN A 37 -6.11 8.43 4.55
C ASN A 37 -5.22 9.47 3.85
N GLY A 38 -4.18 9.05 3.13
CA GLY A 38 -3.29 9.94 2.38
C GLY A 38 -2.23 10.60 3.25
N LYS A 39 -1.99 10.11 4.48
CA LYS A 39 -1.02 10.67 5.41
C LYS A 39 0.42 10.37 5.00
N ALA A 40 0.70 9.46 4.07
CA ALA A 40 2.02 9.25 3.51
C ALA A 40 1.93 9.34 1.98
N LYS A 41 3.05 9.67 1.33
CA LYS A 41 3.19 9.65 -0.12
C LYS A 41 4.36 8.73 -0.45
N ARG A 42 5.61 9.12 -0.20
CA ARG A 42 6.77 8.28 -0.46
C ARG A 42 7.33 7.85 0.90
N PRO A 43 6.94 6.69 1.43
CA PRO A 43 7.62 6.07 2.56
C PRO A 43 8.91 5.38 2.08
N ARG A 44 9.72 4.92 3.03
CA ARG A 44 10.89 4.09 2.74
C ARG A 44 10.45 2.81 2.03
N PHE A 45 9.33 2.25 2.45
CA PHE A 45 8.90 0.90 2.12
C PHE A 45 8.24 0.77 0.74
N LEU A 46 8.16 1.84 -0.04
CA LEU A 46 7.34 1.94 -1.24
C LEU A 46 7.54 0.80 -2.25
N PRO A 47 8.75 0.53 -2.79
CA PRO A 47 8.91 -0.56 -3.74
C PRO A 47 8.79 -1.94 -3.09
N GLU A 48 8.97 -2.09 -1.77
CA GLU A 48 8.74 -3.36 -1.09
C GLU A 48 7.24 -3.60 -1.00
N LEU A 49 6.47 -2.56 -0.61
CA LEU A 49 5.03 -2.65 -0.53
C LEU A 49 4.47 -2.97 -1.90
N ALA A 50 4.93 -2.27 -2.94
CA ALA A 50 4.45 -2.56 -4.28
C ALA A 50 4.76 -4.00 -4.69
N ARG A 51 6.00 -4.45 -4.52
CA ARG A 51 6.40 -5.81 -4.87
C ARG A 51 5.55 -6.83 -4.12
N ALA A 52 5.45 -6.69 -2.80
CA ALA A 52 4.74 -7.62 -1.95
C ALA A 52 3.21 -7.50 -2.11
N LEU A 53 2.68 -6.39 -2.65
CA LEU A 53 1.28 -6.31 -3.08
C LEU A 53 1.07 -6.88 -4.47
N GLY A 54 2.12 -6.94 -5.30
CA GLY A 54 2.08 -7.52 -6.63
C GLY A 54 1.77 -6.48 -7.70
N VAL A 55 2.16 -5.22 -7.51
CA VAL A 55 1.94 -4.15 -8.49
C VAL A 55 3.23 -3.32 -8.63
N ALA A 56 3.31 -2.46 -9.65
CA ALA A 56 4.47 -1.62 -9.87
C ALA A 56 4.48 -0.40 -8.94
N VAL A 57 5.66 0.22 -8.76
CA VAL A 57 5.80 1.56 -8.25
C VAL A 57 5.14 2.55 -9.22
N ASP A 58 5.19 2.31 -10.54
CA ASP A 58 4.43 3.10 -11.50
C ASP A 58 2.94 3.05 -11.28
N TRP A 59 2.41 1.88 -10.91
CA TRP A 59 1.01 1.78 -10.57
C TRP A 59 0.74 2.50 -9.26
N LEU A 60 1.62 2.34 -8.26
CA LEU A 60 1.48 3.05 -7.00
C LEU A 60 1.43 4.55 -7.24
N LEU A 61 2.40 5.10 -7.95
CA LEU A 61 2.55 6.54 -8.12
C LEU A 61 1.49 7.05 -9.08
N ASN A 62 1.48 6.48 -10.28
CA ASN A 62 0.83 7.04 -11.45
C ASN A 62 -0.48 6.33 -11.75
N GLY A 63 -0.71 5.12 -11.22
CA GLY A 63 -2.04 4.53 -11.23
C GLY A 63 -2.32 3.66 -12.43
N ALA A 64 -1.27 3.25 -13.16
CA ALA A 64 -1.39 2.74 -14.52
C ALA A 64 -2.32 3.64 -15.34
N MET A 1 -7.21 7.87 -9.17
CA MET A 1 -7.47 7.93 -7.74
C MET A 1 -6.17 8.24 -6.99
N LEU A 2 -6.26 8.56 -5.70
CA LEU A 2 -5.09 8.82 -4.87
C LEU A 2 -4.42 7.49 -4.51
N MET A 3 -3.18 7.57 -4.02
CA MET A 3 -2.41 6.42 -3.53
C MET A 3 -3.20 5.64 -2.49
N GLY A 4 -3.67 6.33 -1.45
CA GLY A 4 -4.35 5.69 -0.34
C GLY A 4 -5.49 4.80 -0.80
N GLU A 5 -6.48 5.34 -1.52
CA GLU A 5 -7.62 4.57 -1.98
C GLU A 5 -7.18 3.44 -2.91
N ARG A 6 -6.19 3.71 -3.78
CA ARG A 6 -5.58 2.72 -4.65
C ARG A 6 -5.06 1.54 -3.82
N ILE A 7 -4.29 1.81 -2.77
CA ILE A 7 -3.72 0.79 -1.89
C ILE A 7 -4.88 0.05 -1.23
N ARG A 8 -5.86 0.76 -0.66
CA ARG A 8 -6.96 0.18 0.09
C ARG A 8 -7.74 -0.81 -0.79
N ALA A 9 -8.06 -0.41 -2.02
CA ALA A 9 -8.72 -1.26 -2.99
C ALA A 9 -7.86 -2.48 -3.32
N ARG A 10 -6.60 -2.26 -3.70
CA ARG A 10 -5.70 -3.34 -4.13
C ARG A 10 -5.40 -4.30 -2.97
N ARG A 11 -5.41 -3.85 -1.72
CA ARG A 11 -5.39 -4.72 -0.56
C ARG A 11 -6.56 -5.69 -0.59
N ILE A 12 -7.80 -5.21 -0.73
CA ILE A 12 -8.99 -6.06 -0.82
C ILE A 12 -8.90 -6.97 -2.05
N GLN A 13 -8.28 -6.52 -3.13
CA GLN A 13 -8.02 -7.33 -4.32
C GLN A 13 -7.09 -8.52 -4.04
N LEU A 14 -6.28 -8.46 -2.99
CA LEU A 14 -5.52 -9.59 -2.44
C LEU A 14 -6.25 -10.20 -1.22
N GLY A 15 -7.31 -9.56 -0.74
CA GLY A 15 -8.22 -10.04 0.30
C GLY A 15 -7.54 -10.21 1.65
N LEU A 16 -6.56 -9.36 1.96
CA LEU A 16 -5.83 -9.29 3.20
C LEU A 16 -6.05 -7.97 3.93
N ASN A 17 -5.70 -7.92 5.20
CA ASN A 17 -5.95 -6.75 6.05
C ASN A 17 -4.75 -5.82 6.06
N GLN A 18 -4.94 -4.60 6.55
CA GLN A 18 -3.88 -3.62 6.76
C GLN A 18 -2.72 -4.23 7.54
N ALA A 19 -3.02 -4.91 8.66
CA ALA A 19 -2.04 -5.55 9.51
C ALA A 19 -1.26 -6.66 8.78
N GLU A 20 -1.93 -7.41 7.90
CA GLU A 20 -1.26 -8.44 7.12
C GLU A 20 -0.35 -7.82 6.07
N LEU A 21 -0.88 -6.84 5.33
CA LEU A 21 -0.12 -6.07 4.33
C LEU A 21 1.10 -5.44 5.00
N ALA A 22 0.92 -4.94 6.21
CA ALA A 22 2.00 -4.37 7.00
C ALA A 22 3.08 -5.40 7.32
N GLN A 23 2.72 -6.47 8.03
CA GLN A 23 3.67 -7.43 8.61
C GLN A 23 4.56 -7.98 7.50
N LYS A 24 3.93 -8.46 6.43
CA LYS A 24 4.60 -9.06 5.30
C LYS A 24 5.53 -8.11 4.55
N VAL A 25 5.37 -6.80 4.69
CA VAL A 25 6.21 -5.79 4.06
C VAL A 25 7.24 -5.25 5.07
N GLY A 26 7.02 -5.50 6.36
CA GLY A 26 7.89 -5.12 7.48
C GLY A 26 7.43 -3.83 8.16
N VAL A 27 6.40 -3.17 7.64
CA VAL A 27 5.97 -1.87 8.10
C VAL A 27 5.01 -2.04 9.28
N ASP A 28 4.60 -0.94 9.92
CA ASP A 28 3.60 -0.98 10.98
C ASP A 28 2.23 -1.14 10.35
N GLN A 29 1.28 -1.71 11.10
CA GLN A 29 -0.14 -1.72 10.71
C GLN A 29 -0.59 -0.28 10.46
N GLN A 30 -0.16 0.64 11.32
CA GLN A 30 -0.38 2.06 11.13
C GLN A 30 0.14 2.54 9.77
N ALA A 31 1.32 2.10 9.32
CA ALA A 31 1.88 2.55 8.04
C ALA A 31 0.95 2.28 6.85
N ILE A 32 0.16 1.20 6.87
CA ILE A 32 -0.85 1.00 5.85
C ILE A 32 -2.04 1.93 6.12
N GLU A 33 -2.49 2.04 7.36
CA GLU A 33 -3.65 2.85 7.73
C GLU A 33 -3.43 4.34 7.42
N GLN A 34 -2.22 4.85 7.66
CA GLN A 34 -1.87 6.21 7.30
C GLN A 34 -1.87 6.34 5.78
N LEU A 35 -1.36 5.34 5.05
CA LEU A 35 -1.24 5.40 3.61
C LEU A 35 -2.62 5.47 3.00
N GLU A 36 -3.52 4.61 3.45
CA GLU A 36 -4.86 4.46 2.91
C GLU A 36 -5.68 5.73 3.13
N ASN A 37 -5.47 6.45 4.24
CA ASN A 37 -6.08 7.76 4.49
C ASN A 37 -5.19 8.90 3.97
N GLY A 38 -4.16 8.58 3.19
CA GLY A 38 -3.39 9.51 2.37
C GLY A 38 -2.36 10.32 3.16
N LYS A 39 -2.03 9.91 4.38
CA LYS A 39 -1.08 10.61 5.24
C LYS A 39 0.36 10.36 4.84
N ALA A 40 0.73 9.19 4.30
CA ALA A 40 2.03 9.06 3.64
C ALA A 40 1.83 9.42 2.17
N LYS A 41 2.55 10.43 1.67
CA LYS A 41 2.62 10.74 0.25
C LYS A 41 3.52 9.71 -0.43
N ARG A 42 4.80 9.65 -0.04
CA ARG A 42 5.75 8.64 -0.46
C ARG A 42 6.24 7.96 0.82
N PRO A 43 5.86 6.72 1.10
CA PRO A 43 6.41 5.97 2.22
C PRO A 43 7.88 5.61 1.91
N ARG A 44 8.69 5.32 2.94
CA ARG A 44 10.07 4.85 2.76
C ARG A 44 10.18 3.45 2.16
N PHE A 45 9.06 2.75 2.05
CA PHE A 45 9.00 1.32 1.77
C PHE A 45 8.23 1.04 0.47
N LEU A 46 8.02 2.03 -0.39
CA LEU A 46 7.11 1.96 -1.52
C LEU A 46 7.38 0.78 -2.47
N PRO A 47 8.62 0.46 -2.89
CA PRO A 47 8.85 -0.71 -3.73
C PRO A 47 8.61 -2.04 -3.00
N GLU A 48 8.86 -2.12 -1.70
CA GLU A 48 8.64 -3.32 -0.92
C GLU A 48 7.13 -3.54 -0.79
N LEU A 49 6.38 -2.46 -0.54
CA LEU A 49 4.94 -2.48 -0.52
C LEU A 49 4.45 -2.99 -1.86
N ALA A 50 4.84 -2.32 -2.95
CA ALA A 50 4.34 -2.64 -4.28
C ALA A 50 4.64 -4.08 -4.66
N ARG A 51 5.84 -4.58 -4.36
CA ARG A 51 6.22 -5.98 -4.60
C ARG A 51 5.21 -6.90 -3.94
N ALA A 52 5.01 -6.73 -2.64
CA ALA A 52 4.12 -7.61 -1.90
C ALA A 52 2.66 -7.37 -2.29
N LEU A 53 2.27 -6.15 -2.66
CA LEU A 53 0.97 -5.82 -3.22
C LEU A 53 0.79 -6.45 -4.61
N GLY A 54 1.88 -6.73 -5.31
CA GLY A 54 1.95 -7.50 -6.56
C GLY A 54 2.03 -6.60 -7.80
N VAL A 55 2.44 -5.34 -7.65
CA VAL A 55 2.35 -4.29 -8.65
C VAL A 55 3.67 -3.50 -8.71
N ALA A 56 3.78 -2.55 -9.64
CA ALA A 56 4.90 -1.61 -9.73
C ALA A 56 4.70 -0.39 -8.82
N VAL A 57 5.78 0.28 -8.44
CA VAL A 57 5.79 1.62 -7.88
C VAL A 57 5.19 2.60 -8.89
N ASP A 58 5.42 2.40 -10.19
CA ASP A 58 4.76 3.20 -11.21
C ASP A 58 3.24 3.11 -11.12
N TRP A 59 2.68 1.91 -10.95
CA TRP A 59 1.25 1.76 -10.76
C TRP A 59 0.84 2.40 -9.44
N LEU A 60 1.65 2.28 -8.39
CA LEU A 60 1.34 2.90 -7.12
C LEU A 60 1.27 4.42 -7.23
N LEU A 61 2.19 5.05 -7.93
CA LEU A 61 2.20 6.49 -8.10
C LEU A 61 1.14 6.87 -9.13
N ASN A 62 1.33 6.40 -10.37
CA ASN A 62 0.63 6.87 -11.56
C ASN A 62 -0.71 6.16 -11.77
N GLY A 63 -0.85 4.89 -11.40
CA GLY A 63 -2.16 4.22 -11.33
C GLY A 63 -2.47 3.28 -12.47
N ALA A 64 -1.52 3.00 -13.37
CA ALA A 64 -1.78 2.49 -14.70
C ALA A 64 -2.85 3.34 -15.37
N MET A 1 -8.68 7.23 -9.08
CA MET A 1 -8.73 7.08 -7.64
C MET A 1 -7.52 7.80 -7.00
N LEU A 2 -7.54 8.01 -5.68
CA LEU A 2 -6.36 8.48 -4.95
C LEU A 2 -5.54 7.28 -4.46
N MET A 3 -4.33 7.54 -3.95
CA MET A 3 -3.40 6.54 -3.44
C MET A 3 -4.09 5.68 -2.38
N GLY A 4 -4.69 6.31 -1.37
CA GLY A 4 -5.35 5.60 -0.30
C GLY A 4 -6.36 4.59 -0.81
N GLU A 5 -7.17 4.97 -1.81
CA GLU A 5 -8.06 4.04 -2.49
C GLU A 5 -7.27 2.94 -3.18
N ARG A 6 -6.18 3.26 -3.87
CA ARG A 6 -5.35 2.25 -4.55
C ARG A 6 -4.94 1.17 -3.56
N ILE A 7 -4.40 1.53 -2.40
CA ILE A 7 -4.00 0.56 -1.39
C ILE A 7 -5.26 -0.17 -0.90
N ARG A 8 -6.27 0.54 -0.40
CA ARG A 8 -7.44 -0.09 0.24
C ARG A 8 -8.15 -1.04 -0.70
N ALA A 9 -8.30 -0.65 -1.97
CA ALA A 9 -8.89 -1.46 -3.01
C ALA A 9 -8.06 -2.72 -3.19
N ARG A 10 -6.78 -2.56 -3.54
CA ARG A 10 -5.93 -3.67 -3.91
C ARG A 10 -5.80 -4.65 -2.74
N ARG A 11 -5.63 -4.17 -1.51
CA ARG A 11 -5.57 -5.04 -0.34
C ARG A 11 -6.81 -5.91 -0.24
N ILE A 12 -8.00 -5.33 -0.38
CA ILE A 12 -9.25 -6.05 -0.30
C ILE A 12 -9.42 -6.99 -1.49
N GLN A 13 -8.92 -6.62 -2.66
CA GLN A 13 -8.75 -7.51 -3.81
C GLN A 13 -7.84 -8.72 -3.54
N LEU A 14 -6.85 -8.59 -2.67
CA LEU A 14 -6.10 -9.76 -2.15
C LEU A 14 -6.90 -10.49 -1.08
N GLY A 15 -7.85 -9.79 -0.48
CA GLY A 15 -8.70 -10.24 0.60
C GLY A 15 -8.15 -9.92 1.98
N LEU A 16 -6.92 -9.40 2.12
CA LEU A 16 -6.24 -9.38 3.40
C LEU A 16 -6.39 -8.07 4.16
N ASN A 17 -6.09 -8.07 5.46
CA ASN A 17 -6.20 -6.88 6.32
C ASN A 17 -4.90 -6.08 6.33
N GLN A 18 -4.96 -4.88 6.90
CA GLN A 18 -3.82 -3.98 6.97
C GLN A 18 -2.64 -4.63 7.69
N ALA A 19 -2.85 -5.25 8.85
CA ALA A 19 -1.78 -5.78 9.69
C ALA A 19 -1.03 -6.87 8.94
N GLU A 20 -1.74 -7.82 8.33
CA GLU A 20 -1.11 -8.89 7.59
C GLU A 20 -0.38 -8.38 6.36
N LEU A 21 -0.95 -7.42 5.62
CA LEU A 21 -0.21 -6.78 4.52
C LEU A 21 1.08 -6.20 5.09
N ALA A 22 0.94 -5.32 6.08
CA ALA A 22 2.04 -4.63 6.73
C ALA A 22 3.15 -5.58 7.12
N GLN A 23 2.81 -6.60 7.91
CA GLN A 23 3.73 -7.54 8.50
C GLN A 23 4.48 -8.29 7.39
N LYS A 24 3.80 -8.72 6.32
CA LYS A 24 4.46 -9.42 5.22
C LYS A 24 5.26 -8.47 4.32
N VAL A 25 5.00 -7.16 4.33
CA VAL A 25 5.88 -6.19 3.68
C VAL A 25 7.13 -5.98 4.55
N GLY A 26 6.93 -5.77 5.85
CA GLY A 26 7.94 -5.35 6.81
C GLY A 26 7.59 -4.09 7.59
N VAL A 27 6.41 -3.50 7.37
CA VAL A 27 5.99 -2.22 7.90
C VAL A 27 4.96 -2.40 9.03
N ASP A 28 4.49 -1.30 9.61
CA ASP A 28 3.49 -1.24 10.66
C ASP A 28 2.10 -1.29 10.01
N GLN A 29 1.08 -1.77 10.74
CA GLN A 29 -0.32 -1.61 10.31
C GLN A 29 -0.60 -0.12 10.07
N GLN A 30 -0.17 0.72 11.00
CA GLN A 30 -0.24 2.17 10.92
C GLN A 30 0.31 2.69 9.59
N ALA A 31 1.44 2.17 9.09
CA ALA A 31 1.97 2.54 7.79
C ALA A 31 1.02 2.24 6.63
N ILE A 32 0.19 1.18 6.73
CA ILE A 32 -0.85 0.92 5.74
C ILE A 32 -2.01 1.90 5.98
N GLU A 33 -2.41 2.13 7.24
CA GLU A 33 -3.51 3.01 7.61
C GLU A 33 -3.26 4.44 7.12
N GLN A 34 -2.06 4.98 7.38
CA GLN A 34 -1.66 6.30 6.91
C GLN A 34 -1.72 6.32 5.38
N LEU A 35 -1.32 5.25 4.70
CA LEU A 35 -1.38 5.19 3.26
C LEU A 35 -2.83 5.26 2.80
N GLU A 36 -3.71 4.50 3.44
CA GLU A 36 -5.13 4.42 3.12
C GLU A 36 -5.86 5.75 3.36
N ASN A 37 -5.41 6.57 4.32
CA ASN A 37 -5.91 7.92 4.51
C ASN A 37 -5.16 8.95 3.64
N GLY A 38 -4.12 8.53 2.91
CA GLY A 38 -3.40 9.36 1.96
C GLY A 38 -2.20 10.09 2.56
N LYS A 39 -1.80 9.81 3.80
CA LYS A 39 -0.78 10.59 4.50
C LYS A 39 0.60 10.31 3.94
N ALA A 40 0.90 9.13 3.38
CA ALA A 40 2.17 8.90 2.72
C ALA A 40 2.05 9.28 1.24
N LYS A 41 2.70 10.38 0.83
CA LYS A 41 2.87 10.73 -0.58
C LYS A 41 3.94 9.79 -1.16
N ARG A 42 5.16 9.75 -0.61
CA ARG A 42 6.17 8.75 -0.92
C ARG A 42 6.75 8.24 0.42
N PRO A 43 6.33 7.08 0.95
CA PRO A 43 6.99 6.48 2.09
C PRO A 43 8.36 5.90 1.68
N ARG A 44 9.23 5.61 2.64
CA ARG A 44 10.49 4.90 2.39
C ARG A 44 10.21 3.57 1.73
N PHE A 45 9.23 2.85 2.28
CA PHE A 45 8.98 1.45 1.99
C PHE A 45 8.20 1.23 0.70
N LEU A 46 7.93 2.28 -0.08
CA LEU A 46 7.11 2.21 -1.26
C LEU A 46 7.46 1.05 -2.21
N PRO A 47 8.73 0.71 -2.51
CA PRO A 47 9.04 -0.41 -3.39
C PRO A 47 8.89 -1.76 -2.71
N GLU A 48 8.98 -1.82 -1.38
CA GLU A 48 8.73 -3.01 -0.60
C GLU A 48 7.24 -3.29 -0.66
N LEU A 49 6.42 -2.28 -0.35
CA LEU A 49 4.97 -2.43 -0.35
C LEU A 49 4.49 -2.77 -1.74
N ALA A 50 4.99 -2.08 -2.76
CA ALA A 50 4.56 -2.35 -4.12
C ALA A 50 4.88 -3.80 -4.52
N ARG A 51 6.08 -4.30 -4.23
CA ARG A 51 6.41 -5.71 -4.45
C ARG A 51 5.50 -6.63 -3.65
N ALA A 52 5.28 -6.35 -2.37
CA ALA A 52 4.45 -7.14 -1.48
C ALA A 52 2.98 -7.16 -1.94
N LEU A 53 2.50 -6.05 -2.49
CA LEU A 53 1.15 -5.84 -3.02
C LEU A 53 1.01 -6.41 -4.44
N GLY A 54 2.10 -6.57 -5.18
CA GLY A 54 2.13 -7.14 -6.51
C GLY A 54 1.86 -6.11 -7.60
N VAL A 55 2.31 -4.87 -7.42
CA VAL A 55 2.19 -3.78 -8.39
C VAL A 55 3.53 -3.02 -8.45
N ALA A 56 3.69 -2.10 -9.39
CA ALA A 56 4.87 -1.25 -9.49
C ALA A 56 4.75 -0.06 -8.53
N VAL A 57 5.90 0.52 -8.14
CA VAL A 57 5.94 1.87 -7.60
C VAL A 57 5.39 2.82 -8.66
N ASP A 58 5.62 2.57 -9.95
CA ASP A 58 5.05 3.37 -11.03
C ASP A 58 3.52 3.39 -10.98
N TRP A 59 2.88 2.25 -10.70
CA TRP A 59 1.43 2.17 -10.52
C TRP A 59 0.99 2.94 -9.27
N LEU A 60 1.83 3.02 -8.26
CA LEU A 60 1.58 3.69 -7.01
C LEU A 60 1.80 5.19 -7.09
N LEU A 61 2.86 5.65 -7.75
CA LEU A 61 3.05 7.05 -8.08
C LEU A 61 1.93 7.48 -9.03
N ASN A 62 1.86 6.88 -10.21
CA ASN A 62 0.96 7.25 -11.29
C ASN A 62 -0.37 6.57 -11.07
N GLY A 63 -0.45 5.27 -11.38
CA GLY A 63 -1.71 4.55 -11.53
C GLY A 63 -1.92 4.10 -12.97
N ALA A 64 -1.35 2.95 -13.32
CA ALA A 64 -1.57 2.25 -14.58
C ALA A 64 -1.39 3.16 -15.80
N MET A 1 -8.86 7.52 -8.90
CA MET A 1 -8.87 7.37 -7.45
C MET A 1 -7.51 7.77 -6.89
N LEU A 2 -7.47 8.08 -5.60
CA LEU A 2 -6.21 8.45 -4.93
C LEU A 2 -5.29 7.24 -4.81
N MET A 3 -4.08 7.51 -4.36
CA MET A 3 -3.09 6.52 -3.95
C MET A 3 -3.66 5.71 -2.80
N GLY A 4 -4.11 6.36 -1.72
CA GLY A 4 -4.64 5.69 -0.55
C GLY A 4 -5.83 4.79 -0.88
N GLU A 5 -6.74 5.27 -1.75
CA GLU A 5 -7.85 4.46 -2.25
C GLU A 5 -7.30 3.25 -3.00
N ARG A 6 -6.41 3.48 -3.98
CA ARG A 6 -5.81 2.45 -4.82
C ARG A 6 -5.09 1.40 -3.98
N ILE A 7 -4.45 1.81 -2.90
CA ILE A 7 -3.79 0.92 -1.95
C ILE A 7 -4.85 0.06 -1.25
N ARG A 8 -5.93 0.66 -0.72
CA ARG A 8 -7.02 -0.12 -0.13
C ARG A 8 -7.58 -1.09 -1.17
N ALA A 9 -7.82 -0.62 -2.39
CA ALA A 9 -8.38 -1.40 -3.48
C ALA A 9 -7.55 -2.63 -3.76
N ARG A 10 -6.22 -2.46 -3.92
CA ARG A 10 -5.33 -3.57 -4.20
C ARG A 10 -5.28 -4.53 -3.01
N ARG A 11 -5.29 -4.02 -1.78
CA ARG A 11 -5.36 -4.86 -0.58
C ARG A 11 -6.62 -5.74 -0.61
N ILE A 12 -7.77 -5.13 -0.85
CA ILE A 12 -9.04 -5.82 -1.03
C ILE A 12 -8.96 -6.82 -2.20
N GLN A 13 -8.21 -6.50 -3.26
CA GLN A 13 -8.01 -7.40 -4.39
C GLN A 13 -7.32 -8.70 -3.96
N LEU A 14 -6.40 -8.59 -3.01
CA LEU A 14 -5.74 -9.71 -2.37
C LEU A 14 -6.55 -10.22 -1.16
N GLY A 15 -7.62 -9.51 -0.78
CA GLY A 15 -8.61 -9.81 0.24
C GLY A 15 -7.96 -10.12 1.58
N LEU A 16 -6.94 -9.34 1.94
CA LEU A 16 -6.22 -9.43 3.20
C LEU A 16 -6.25 -8.11 3.96
N ASN A 17 -5.93 -8.15 5.24
CA ASN A 17 -6.16 -7.01 6.14
C ASN A 17 -4.95 -6.08 6.17
N GLN A 18 -5.09 -4.87 6.75
CA GLN A 18 -3.97 -3.95 6.96
C GLN A 18 -2.82 -4.64 7.68
N ALA A 19 -3.11 -5.26 8.84
CA ALA A 19 -2.11 -5.84 9.71
C ALA A 19 -1.30 -6.89 8.97
N GLU A 20 -1.98 -7.69 8.16
CA GLU A 20 -1.40 -8.79 7.42
C GLU A 20 -0.49 -8.31 6.31
N LEU A 21 -1.00 -7.36 5.51
CA LEU A 21 -0.19 -6.75 4.47
C LEU A 21 1.06 -6.18 5.12
N ALA A 22 0.85 -5.38 6.17
CA ALA A 22 1.89 -4.71 6.91
C ALA A 22 3.00 -5.68 7.29
N GLN A 23 2.65 -6.77 7.99
CA GLN A 23 3.65 -7.69 8.50
C GLN A 23 4.44 -8.33 7.37
N LYS A 24 3.79 -8.76 6.29
CA LYS A 24 4.48 -9.44 5.20
C LYS A 24 5.28 -8.46 4.32
N VAL A 25 4.99 -7.15 4.34
CA VAL A 25 5.87 -6.14 3.77
C VAL A 25 7.05 -5.89 4.72
N GLY A 26 6.80 -5.92 6.03
CA GLY A 26 7.75 -5.55 7.08
C GLY A 26 7.55 -4.13 7.60
N VAL A 27 6.36 -3.54 7.41
CA VAL A 27 5.93 -2.27 7.93
C VAL A 27 4.92 -2.46 9.08
N ASP A 28 4.45 -1.38 9.69
CA ASP A 28 3.41 -1.37 10.72
C ASP A 28 2.04 -1.34 10.05
N GLN A 29 1.00 -1.84 10.74
CA GLN A 29 -0.39 -1.60 10.37
C GLN A 29 -0.63 -0.09 10.26
N GLN A 30 -0.05 0.69 11.17
CA GLN A 30 -0.14 2.13 11.20
C GLN A 30 0.33 2.71 9.85
N ALA A 31 1.43 2.19 9.29
CA ALA A 31 1.93 2.56 7.97
C ALA A 31 0.88 2.33 6.89
N ILE A 32 0.11 1.26 6.97
CA ILE A 32 -0.96 0.99 6.01
C ILE A 32 -2.10 1.99 6.20
N GLU A 33 -2.49 2.29 7.44
CA GLU A 33 -3.58 3.20 7.76
C GLU A 33 -3.29 4.60 7.24
N GLN A 34 -2.11 5.12 7.57
CA GLN A 34 -1.76 6.44 7.11
C GLN A 34 -1.68 6.46 5.59
N LEU A 35 -1.22 5.38 4.95
CA LEU A 35 -1.13 5.31 3.51
C LEU A 35 -2.53 5.34 2.91
N GLU A 36 -3.49 4.66 3.55
CA GLU A 36 -4.88 4.62 3.09
C GLU A 36 -5.49 6.02 3.09
N ASN A 37 -5.20 6.84 4.11
CA ASN A 37 -5.69 8.21 4.10
C ASN A 37 -4.84 9.11 3.19
N GLY A 38 -3.64 8.66 2.80
CA GLY A 38 -2.71 9.37 1.93
C GLY A 38 -1.55 10.05 2.66
N LYS A 39 -1.38 9.87 3.98
CA LYS A 39 -0.48 10.64 4.83
C LYS A 39 0.99 10.27 4.60
N ALA A 40 1.29 9.18 3.87
CA ALA A 40 2.62 8.92 3.35
C ALA A 40 2.58 9.16 1.84
N LYS A 41 3.11 10.30 1.37
CA LYS A 41 3.16 10.62 -0.05
C LYS A 41 4.10 9.64 -0.74
N ARG A 42 5.40 9.65 -0.43
CA ARG A 42 6.31 8.59 -0.82
C ARG A 42 6.85 8.03 0.50
N PRO A 43 6.31 6.91 1.01
CA PRO A 43 6.86 6.29 2.20
C PRO A 43 8.27 5.77 1.94
N ARG A 44 9.06 5.67 3.01
CA ARG A 44 10.44 5.18 2.98
C ARG A 44 10.58 3.78 2.37
N PHE A 45 9.50 3.00 2.36
CA PHE A 45 9.47 1.60 1.95
C PHE A 45 8.71 1.40 0.63
N LEU A 46 8.32 2.46 -0.10
CA LEU A 46 7.34 2.39 -1.17
C LEU A 46 7.50 1.21 -2.15
N PRO A 47 8.68 0.88 -2.70
CA PRO A 47 8.80 -0.29 -3.56
C PRO A 47 8.62 -1.63 -2.85
N GLU A 48 8.97 -1.74 -1.56
CA GLU A 48 8.75 -2.95 -0.79
C GLU A 48 7.26 -3.16 -0.66
N LEU A 49 6.51 -2.12 -0.29
CA LEU A 49 5.06 -2.25 -0.18
C LEU A 49 4.46 -2.56 -1.54
N ALA A 50 4.87 -1.86 -2.58
CA ALA A 50 4.34 -2.14 -3.92
C ALA A 50 4.60 -3.59 -4.33
N ARG A 51 5.85 -4.06 -4.21
CA ARG A 51 6.26 -5.43 -4.53
C ARG A 51 5.49 -6.45 -3.68
N ALA A 52 5.32 -6.18 -2.39
CA ALA A 52 4.56 -7.02 -1.47
C ALA A 52 3.06 -7.02 -1.82
N LEU A 53 2.51 -5.90 -2.29
CA LEU A 53 1.13 -5.80 -2.74
C LEU A 53 0.97 -6.58 -4.04
N GLY A 54 1.98 -6.50 -4.93
CA GLY A 54 2.07 -7.15 -6.22
C GLY A 54 1.85 -6.16 -7.35
N VAL A 55 2.37 -4.92 -7.24
CA VAL A 55 2.31 -3.91 -8.30
C VAL A 55 3.65 -3.15 -8.30
N ALA A 56 3.85 -2.24 -9.26
CA ALA A 56 4.97 -1.32 -9.27
C ALA A 56 4.66 -0.06 -8.47
N VAL A 57 5.69 0.67 -8.04
CA VAL A 57 5.57 2.03 -7.52
C VAL A 57 4.88 2.93 -8.55
N ASP A 58 5.15 2.79 -9.85
CA ASP A 58 4.48 3.61 -10.86
C ASP A 58 2.97 3.40 -10.82
N TRP A 59 2.53 2.15 -10.66
CA TRP A 59 1.10 1.86 -10.52
C TRP A 59 0.58 2.46 -9.23
N LEU A 60 1.31 2.33 -8.13
CA LEU A 60 0.91 2.95 -6.88
C LEU A 60 0.76 4.45 -7.02
N LEU A 61 1.72 5.11 -7.65
CA LEU A 61 1.73 6.55 -7.87
C LEU A 61 0.56 6.96 -8.75
N ASN A 62 0.40 6.29 -9.89
CA ASN A 62 -0.40 6.77 -11.02
C ASN A 62 -1.61 5.88 -11.27
N GLY A 63 -1.40 4.57 -11.35
CA GLY A 63 -2.43 3.57 -11.58
C GLY A 63 -2.54 3.27 -13.08
N ALA A 64 -1.64 2.40 -13.57
CA ALA A 64 -1.56 1.99 -14.97
C ALA A 64 -2.93 1.82 -15.64
#